data_9PYM
#
_entry.id   9PYM
#
_cell.length_a   1.00
_cell.length_b   1.00
_cell.length_c   1.00
_cell.angle_alpha   90.00
_cell.angle_beta   90.00
_cell.angle_gamma   90.00
#
_symmetry.space_group_name_H-M   'P 1'
#
loop_
_entity.id
_entity.type
_entity.pdbx_description
1 polymer 'Isethionate TRAP transporter permease protein DctMQ'
2 polymer 'Megabody C7HopQ'
3 non-polymer 'SODIUM ION'
4 non-polymer '2-hydroxyethylsulfonic acid'
5 non-polymer PHOSPHATIDYLETHANOLAMINE
#
loop_
_entity_poly.entity_id
_entity_poly.type
_entity_poly.pdbx_seq_one_letter_code
_entity_poly.pdbx_strand_id
1 'polypeptide(L)'
;MSDPNVTATIMNAQGECSSGSLESRPGILGWLDANFEKPFLVAGMLAIIFIITFQTLYRYIGVYLHEGAAAAVWTEEMAR
FIFIWISYLAVPVAIKNRSSIRVDIIFDRLPVRFQNISWIIVDVCFLTLAATVLWQSLDLIKMQLTYPQTSPALQLPYYI
PYLVLPVSFGLMAVRLLQDLAGQVRICGAADTVIGLILCAVLAAPLFIADYIDPLPVLFGYFALFLVVGVPIAIGLGLAA
LATIVAAGSLPIDYVAQIAFTSIDSFPIMAIPFFIAAGVFMGAGGLSRRLLNLADEMLGALPGGMALATIGTCMFFAAIS
GSGPATVAAIGSLTIPAMVERGYCKYFSAAIVAAAGAIGVMIPPSNPFVVYGVSAQASIGKLFMGGIVPGLLTGLALMAY
SYWYSKKRGWKGEVRDRNLKTFMHAVWEAKWALMVPVIVLGGIYGGIMTPTEAAALAAFYGLIIGCFVHRELSCGSFYDC
VVEAAGTSAMVIVLMSMATIFGNIMTIEEVPTTIAQAMLGLTTDKIAILLMINVLLLIIGTFMEALAAIVILTPILLPIV
LKVGVDPVHFGIIMVVNLAIGFVTPPVGVNLFVASGVANAKIEQLSKVVLPLIALMLAVLLITTYVPAIPMFFAG
;
A
2 'polypeptide(L)'
;QVSLQESGGGLVQTKTTTSVIDTTNDAQNLLTQAQTIVNTLKDYCPILIAKSSSSNGGTNNANTPSWQTAGGGKNSCATF
GAEFSAASDMINNAQKIVQETQQLSANQPKNITQPHNLNLNSPSSLTALAQKMLKNAQSQAEILKLANQVESDFNKLSSG
HLKDYIGKCDASAISSANMTMQNQKNNWGNGCAGVEETQSLLKTSAADFNNQTPQINQAQNLANTLIQELGNNTYEQLSR
LLTNDNGTNSKTSAQAINQAVNNLNERAKTLAGGTTNSPAYQATLLALRSVLGLWNSMGYAVICGGYTKSPGENNQKDFH
YTDENGNGTTINCGGSTNSNGTHSYNGTNTLKADKNVSLSIEQYEKIHEAYQILSKALKQAGLAPLNSKGEKLEAHVTTS
KYAGGSLRLSCAASGNIFLWANMGWYRQAPGKEREFVASISLGANTNYADSVKGRFTISRDNAKNTVYLQMNSLKQEDTA
VYYCAVWARYPSTYYLGRGYDYLYWGQGTQVTVSS
;
B
#
loop_
_chem_comp.id
_chem_comp.type
_chem_comp.name
_chem_comp.formula
8X3 non-polymer '2-hydroxyethylsulfonic acid' 'C2 H6 O4 S'
NA non-polymer 'SODIUM ION' 'Na 1'
PTY non-polymer PHOSPHATIDYLETHANOLAMINE 'C40 H80 N O8 P'
#
# COMPACT_ATOMS: atom_id res chain seq x y z
N LEU A 29 15.34 32.47 14.82
CA LEU A 29 14.52 31.75 13.86
C LEU A 29 14.77 30.25 13.95
N GLY A 30 15.26 29.81 15.09
CA GLY A 30 15.55 28.38 15.27
C GLY A 30 14.31 27.52 15.10
N TRP A 31 13.17 27.97 15.64
CA TRP A 31 11.95 27.19 15.52
C TRP A 31 11.55 27.04 14.06
N LEU A 32 11.73 28.08 13.25
CA LEU A 32 11.46 27.97 11.82
C LEU A 32 12.59 27.25 11.09
N ASP A 33 13.81 27.29 11.62
CA ASP A 33 14.92 26.66 10.93
C ASP A 33 14.84 25.15 11.00
N ALA A 34 14.19 24.60 12.03
CA ALA A 34 14.10 23.16 12.22
C ALA A 34 12.67 22.66 12.15
N ASN A 35 11.75 23.27 12.90
CA ASN A 35 10.41 22.74 13.06
C ASN A 35 9.37 23.62 12.36
N PHE A 36 9.72 24.11 11.18
CA PHE A 36 8.80 24.95 10.43
C PHE A 36 7.58 24.16 9.96
N GLU A 37 7.79 23.01 9.34
CA GLU A 37 6.70 22.25 8.76
C GLU A 37 5.88 21.52 9.81
N LYS A 38 6.52 21.05 10.88
CA LYS A 38 5.87 20.15 11.80
C LYS A 38 4.54 20.68 12.33
N PRO A 39 4.41 21.96 12.68
CA PRO A 39 3.09 22.43 13.15
C PRO A 39 1.98 22.18 12.16
N PHE A 40 2.26 22.29 10.86
CA PHE A 40 1.21 22.08 9.86
C PHE A 40 0.82 20.60 9.78
N LEU A 41 1.81 19.70 9.80
CA LEU A 41 1.50 18.28 9.82
C LEU A 41 0.59 17.94 10.99
N VAL A 42 0.93 18.47 12.18
CA VAL A 42 0.10 18.20 13.35
C VAL A 42 -1.28 18.78 13.15
N ALA A 43 -1.36 20.02 12.65
CA ALA A 43 -2.66 20.66 12.47
C ALA A 43 -3.48 19.95 11.39
N GLY A 44 -2.84 19.64 10.25
CA GLY A 44 -3.56 18.95 9.18
C GLY A 44 -3.96 17.54 9.56
N MET A 45 -3.01 16.77 10.12
CA MET A 45 -3.30 15.39 10.47
C MET A 45 -4.49 15.31 11.41
N LEU A 46 -4.53 16.19 12.40
CA LEU A 46 -5.68 16.22 13.30
C LEU A 46 -6.96 16.56 12.54
N ALA A 47 -6.85 17.44 11.54
CA ALA A 47 -8.04 17.84 10.79
C ALA A 47 -8.64 16.67 10.04
N ILE A 48 -7.83 15.98 9.24
CA ILE A 48 -8.39 14.91 8.41
C ILE A 48 -8.94 13.79 9.30
N ILE A 49 -8.35 13.58 10.47
CA ILE A 49 -8.91 12.64 11.41
C ILE A 49 -10.28 13.12 11.90
N PHE A 50 -10.37 14.40 12.25
CA PHE A 50 -11.66 14.94 12.70
C PHE A 50 -12.64 15.07 11.55
N ILE A 51 -12.17 15.52 10.39
CA ILE A 51 -13.07 15.73 9.26
C ILE A 51 -13.70 14.40 8.83
N ILE A 52 -12.86 13.40 8.60
CA ILE A 52 -13.35 12.11 8.15
C ILE A 52 -14.19 11.45 9.24
N THR A 53 -13.77 11.59 10.50
CA THR A 53 -14.54 11.02 11.58
C THR A 53 -15.91 11.67 11.68
N PHE A 54 -15.96 13.00 11.61
CA PHE A 54 -17.25 13.67 11.66
C PHE A 54 -18.10 13.30 10.46
N GLN A 55 -17.51 13.28 9.27
CA GLN A 55 -18.23 12.82 8.09
C GLN A 55 -18.85 11.46 8.32
N THR A 56 -18.09 10.55 8.92
CA THR A 56 -18.60 9.21 9.17
C THR A 56 -19.71 9.21 10.20
N LEU A 57 -19.54 9.94 11.30
CA LEU A 57 -20.54 9.90 12.36
C LEU A 57 -21.88 10.42 11.85
N TYR A 58 -21.88 11.58 11.19
CA TYR A 58 -23.11 12.11 10.65
C TYR A 58 -23.68 11.20 9.58
N ARG A 59 -22.81 10.61 8.75
CA ARG A 59 -23.28 9.71 7.71
C ARG A 59 -24.01 8.52 8.32
N TYR A 60 -23.44 7.91 9.35
CA TYR A 60 -24.08 6.75 9.96
C TYR A 60 -25.32 7.15 10.74
N ILE A 61 -25.25 8.24 11.51
CA ILE A 61 -26.40 8.67 12.30
C ILE A 61 -27.56 9.05 11.38
N GLY A 62 -27.28 9.80 10.34
CA GLY A 62 -28.32 10.24 9.42
C GLY A 62 -29.42 11.01 10.11
N VAL A 73 -21.15 16.00 1.97
CA VAL A 73 -20.47 15.24 0.92
C VAL A 73 -19.25 16.02 0.44
N TRP A 74 -19.34 17.35 0.53
CA TRP A 74 -18.20 18.19 0.18
C TRP A 74 -17.03 17.99 1.14
N THR A 75 -17.29 17.41 2.31
CA THR A 75 -16.23 17.27 3.31
C THR A 75 -15.10 16.37 2.84
N GLU A 76 -15.44 15.31 2.10
CA GLU A 76 -14.39 14.43 1.58
C GLU A 76 -13.42 15.20 0.70
N GLU A 77 -13.92 16.12 -0.11
CA GLU A 77 -13.04 16.89 -0.98
C GLU A 77 -12.04 17.68 -0.16
N MET A 78 -12.49 18.27 0.95
CA MET A 78 -11.57 19.03 1.80
C MET A 78 -10.51 18.11 2.40
N ALA A 79 -10.92 16.97 2.95
CA ALA A 79 -9.97 16.06 3.57
C ALA A 79 -8.94 15.57 2.57
N ARG A 80 -9.39 15.21 1.36
CA ARG A 80 -8.47 14.74 0.34
C ARG A 80 -7.46 15.82 -0.02
N PHE A 81 -7.89 17.08 -0.03
CA PHE A 81 -6.95 18.17 -0.32
C PHE A 81 -5.95 18.35 0.81
N ILE A 82 -6.42 18.32 2.05
CA ILE A 82 -5.50 18.43 3.19
C ILE A 82 -4.56 17.24 3.23
N PHE A 83 -5.12 16.03 3.10
CA PHE A 83 -4.30 14.84 3.15
C PHE A 83 -3.17 14.89 2.14
N ILE A 84 -3.42 15.51 0.98
CA ILE A 84 -2.34 15.70 0.02
C ILE A 84 -1.36 16.73 0.53
N TRP A 85 -1.84 17.69 1.34
CA TRP A 85 -0.96 18.73 1.86
C TRP A 85 0.03 18.16 2.86
N ILE A 86 -0.45 17.38 3.83
CA ILE A 86 0.45 16.82 4.84
C ILE A 86 1.37 15.78 4.21
N SER A 87 0.87 15.03 3.23
CA SER A 87 1.67 13.97 2.63
C SER A 87 2.91 14.52 1.96
N TYR A 88 2.80 15.71 1.37
CA TYR A 88 3.95 16.29 0.69
C TYR A 88 4.70 17.30 1.54
N LEU A 89 4.04 17.90 2.54
CA LEU A 89 4.77 18.70 3.51
C LEU A 89 5.64 17.84 4.40
N ALA A 90 5.17 16.63 4.74
CA ALA A 90 5.90 15.77 5.65
C ALA A 90 7.21 15.29 5.06
N VAL A 91 7.38 15.35 3.74
CA VAL A 91 8.64 14.91 3.14
C VAL A 91 9.80 15.79 3.58
N PRO A 92 9.74 17.12 3.45
CA PRO A 92 10.87 17.95 3.93
C PRO A 92 11.40 17.50 5.28
N VAL A 93 10.50 17.12 6.20
CA VAL A 93 10.94 16.59 7.49
C VAL A 93 11.78 15.35 7.30
N ALA A 94 11.32 14.45 6.42
CA ALA A 94 11.98 13.16 6.25
C ALA A 94 13.37 13.29 5.63
N ILE A 95 13.73 14.45 5.12
CA ILE A 95 15.10 14.66 4.66
C ILE A 95 16.00 15.16 5.77
N LYS A 96 15.52 16.11 6.58
CA LYS A 96 16.32 16.60 7.69
C LYS A 96 16.56 15.47 8.70
N ASN A 97 15.53 14.69 9.01
CA ASN A 97 15.73 13.51 9.82
C ASN A 97 16.60 12.48 9.11
N ARG A 98 16.71 12.56 7.79
CA ARG A 98 17.45 11.57 7.00
C ARG A 98 16.89 10.18 7.24
N SER A 99 15.56 10.08 7.34
CA SER A 99 14.89 8.84 7.67
C SER A 99 14.09 8.27 6.50
N SER A 100 14.48 8.56 5.28
CA SER A 100 13.78 8.05 4.12
C SER A 100 14.00 6.54 3.97
N ILE A 101 12.94 5.81 3.66
CA ILE A 101 13.04 4.37 3.48
C ILE A 101 13.83 4.07 2.22
N ARG A 102 14.78 3.14 2.33
CA ARG A 102 15.63 2.81 1.21
C ARG A 102 16.24 1.44 1.41
N VAL A 103 16.86 0.92 0.37
CA VAL A 103 17.56 -0.35 0.39
C VAL A 103 19.05 -0.06 0.54
N ASP A 104 19.62 -0.43 1.68
CA ASP A 104 21.00 -0.16 2.01
C ASP A 104 21.78 -1.45 2.19
N ILE A 105 21.51 -2.43 1.32
CA ILE A 105 22.21 -3.71 1.42
C ILE A 105 23.70 -3.52 1.21
N ILE A 106 24.07 -2.73 0.21
CA ILE A 106 25.49 -2.50 -0.08
C ILE A 106 26.01 -1.20 0.53
N PHE A 107 25.13 -0.29 0.93
CA PHE A 107 25.60 0.91 1.61
C PHE A 107 26.31 0.56 2.91
N ASP A 108 25.76 -0.37 3.67
CA ASP A 108 26.42 -0.81 4.90
C ASP A 108 27.77 -1.44 4.59
N ARG A 109 27.86 -2.20 3.50
CA ARG A 109 29.13 -2.84 3.16
C ARG A 109 30.18 -1.81 2.79
N LEU A 110 29.78 -0.67 2.24
CA LEU A 110 30.75 0.31 1.77
C LEU A 110 31.50 0.94 2.95
N PRO A 111 32.72 1.42 2.73
CA PRO A 111 33.44 2.13 3.79
C PRO A 111 32.68 3.37 4.24
N VAL A 112 33.25 4.06 5.23
CA VAL A 112 32.65 5.31 5.67
C VAL A 112 32.77 6.37 4.59
N ARG A 113 33.94 6.47 3.96
CA ARG A 113 34.14 7.47 2.92
C ARG A 113 33.09 7.30 1.82
N PHE A 114 32.96 6.08 1.30
CA PHE A 114 31.97 5.83 0.26
C PHE A 114 30.56 6.00 0.81
N GLN A 115 30.37 5.81 2.10
CA GLN A 115 29.05 6.05 2.67
C GLN A 115 28.69 7.54 2.58
N ASN A 116 29.66 8.42 2.80
CA ASN A 116 29.38 9.85 2.66
C ASN A 116 29.09 10.21 1.21
N ILE A 117 29.89 9.71 0.28
CA ILE A 117 29.66 10.00 -1.13
C ILE A 117 28.27 9.54 -1.55
N SER A 118 27.82 8.42 -1.00
CA SER A 118 26.47 7.95 -1.30
C SER A 118 25.43 8.95 -0.82
N TRP A 119 25.74 9.69 0.24
CA TRP A 119 24.75 10.62 0.78
C TRP A 119 24.65 11.89 -0.05
N ILE A 120 25.78 12.35 -0.59
CA ILE A 120 25.72 13.53 -1.46
C ILE A 120 25.04 13.18 -2.77
N ILE A 121 25.30 11.98 -3.29
CA ILE A 121 24.61 11.54 -4.52
C ILE A 121 23.11 11.46 -4.27
N VAL A 122 22.70 10.92 -3.13
CA VAL A 122 21.28 10.80 -2.84
C VAL A 122 20.62 12.17 -2.84
N ASP A 123 21.28 13.16 -2.24
CA ASP A 123 20.71 14.50 -2.19
C ASP A 123 20.63 15.13 -3.57
N VAL A 124 21.70 15.00 -4.37
CA VAL A 124 21.67 15.53 -5.73
C VAL A 124 20.57 14.89 -6.53
N CYS A 125 20.51 13.55 -6.53
CA CYS A 125 19.47 12.85 -7.26
C CYS A 125 18.09 13.26 -6.76
N PHE A 126 17.90 13.27 -5.45
CA PHE A 126 16.61 13.65 -4.91
C PHE A 126 16.37 15.14 -5.10
N LEU A 127 17.43 15.91 -5.35
CA LEU A 127 17.26 17.32 -5.67
C LEU A 127 16.88 17.53 -7.12
N THR A 128 17.37 16.68 -8.02
CA THR A 128 16.95 16.77 -9.42
C THR A 128 15.46 16.53 -9.55
N LEU A 129 14.94 15.54 -8.83
CA LEU A 129 13.51 15.28 -8.85
C LEU A 129 12.74 16.44 -8.25
N ALA A 130 13.21 16.96 -7.12
CA ALA A 130 12.45 18.00 -6.42
C ALA A 130 12.37 19.27 -7.25
N ALA A 131 13.48 19.67 -7.87
CA ALA A 131 13.46 20.87 -8.71
C ALA A 131 12.51 20.70 -9.88
N THR A 132 12.56 19.53 -10.55
CA THR A 132 11.76 19.34 -11.76
C THR A 132 10.27 19.44 -11.47
N VAL A 133 9.81 18.81 -10.38
CA VAL A 133 8.41 18.90 -10.02
C VAL A 133 8.06 20.30 -9.55
N LEU A 134 9.07 21.08 -9.16
CA LEU A 134 8.82 22.47 -8.80
C LEU A 134 8.55 23.31 -10.03
N TRP A 135 9.43 23.21 -11.03
CA TRP A 135 9.27 24.05 -12.22
C TRP A 135 7.98 23.73 -12.96
N GLN A 136 7.70 22.44 -13.16
CA GLN A 136 6.46 22.06 -13.83
C GLN A 136 5.25 22.48 -13.01
N SER A 137 5.33 22.33 -11.68
CA SER A 137 4.21 22.70 -10.83
C SER A 137 3.90 24.19 -10.92
N LEU A 138 4.93 25.02 -11.06
CA LEU A 138 4.69 26.45 -11.25
C LEU A 138 3.99 26.72 -12.57
N ASP A 139 4.55 26.20 -13.67
CA ASP A 139 3.91 26.39 -14.96
C ASP A 139 2.47 25.92 -14.93
N LEU A 140 2.23 24.76 -14.34
CA LEU A 140 0.87 24.24 -14.24
C LEU A 140 -0.04 25.22 -13.50
N ILE A 141 0.50 25.89 -12.48
CA ILE A 141 -0.32 26.87 -11.75
C ILE A 141 -0.53 28.11 -12.61
N LYS A 142 0.49 28.53 -13.34
CA LYS A 142 0.36 29.70 -14.20
C LYS A 142 -0.71 29.47 -15.26
N MET A 143 -0.73 28.28 -15.85
CA MET A 143 -1.76 27.95 -16.84
C MET A 143 -3.13 27.88 -16.19
N GLN A 144 -3.22 27.32 -14.98
CA GLN A 144 -4.51 27.20 -14.32
C GLN A 144 -5.08 28.58 -13.98
N LEU A 145 -4.21 29.54 -13.66
CA LEU A 145 -4.68 30.90 -13.43
C LEU A 145 -5.27 31.49 -14.70
N THR A 146 -4.65 31.23 -15.86
CA THR A 146 -5.17 31.76 -17.11
C THR A 146 -6.58 31.26 -17.37
N TYR A 147 -6.81 29.96 -17.19
CA TYR A 147 -8.12 29.35 -17.43
C TYR A 147 -8.62 28.79 -16.11
N PRO A 148 -9.40 29.54 -15.34
CA PRO A 148 -9.87 29.01 -14.06
C PRO A 148 -10.69 27.75 -14.24
N GLN A 149 -10.61 26.88 -13.24
CA GLN A 149 -11.32 25.60 -13.28
C GLN A 149 -11.59 25.21 -11.84
N THR A 150 -12.85 25.18 -11.44
CA THR A 150 -13.23 24.94 -10.07
C THR A 150 -13.48 23.46 -9.82
N SER A 151 -13.43 23.09 -8.55
CA SER A 151 -13.69 21.72 -8.13
C SER A 151 -15.19 21.47 -8.09
N PRO A 152 -15.60 20.20 -8.02
CA PRO A 152 -17.03 19.90 -7.96
C PRO A 152 -17.73 20.41 -6.72
N ALA A 153 -17.25 20.02 -5.54
CA ALA A 153 -17.97 20.27 -4.30
C ALA A 153 -17.52 21.56 -3.61
N LEU A 154 -16.23 21.66 -3.33
CA LEU A 154 -15.71 22.86 -2.67
C LEU A 154 -15.84 24.08 -3.55
N GLN A 155 -15.78 23.91 -4.87
CA GLN A 155 -15.75 24.98 -5.85
C GLN A 155 -14.45 25.75 -5.84
N LEU A 156 -13.44 25.28 -5.11
CA LEU A 156 -12.16 25.96 -5.10
C LEU A 156 -11.56 25.92 -6.49
N PRO A 157 -10.93 26.99 -6.95
CA PRO A 157 -10.11 26.89 -8.16
C PRO A 157 -9.04 25.83 -7.95
N TYR A 158 -8.76 25.06 -9.00
CA TYR A 158 -7.81 23.99 -8.83
C TYR A 158 -6.40 24.47 -8.59
N TYR A 159 -6.13 25.77 -8.75
CA TYR A 159 -4.79 26.26 -8.46
C TYR A 159 -4.54 26.43 -6.97
N ILE A 160 -5.59 26.49 -6.16
CA ILE A 160 -5.42 26.61 -4.70
C ILE A 160 -4.91 25.28 -4.17
N PRO A 161 -5.64 24.17 -4.30
CA PRO A 161 -5.16 22.91 -3.74
C PRO A 161 -3.87 22.43 -4.36
N TYR A 162 -3.52 22.88 -5.55
CA TYR A 162 -2.26 22.48 -6.17
C TYR A 162 -1.07 23.29 -5.68
N LEU A 163 -1.27 24.24 -4.79
CA LEU A 163 -0.13 24.95 -4.24
C LEU A 163 0.70 24.08 -3.32
N VAL A 164 0.24 22.88 -2.99
CA VAL A 164 1.07 21.93 -2.27
C VAL A 164 2.29 21.56 -3.09
N LEU A 165 2.10 21.33 -4.38
CA LEU A 165 3.23 20.90 -5.21
C LEU A 165 4.35 21.91 -5.24
N PRO A 166 4.11 23.19 -5.53
CA PRO A 166 5.24 24.13 -5.55
C PRO A 166 5.81 24.38 -4.16
N VAL A 167 4.95 24.60 -3.17
CA VAL A 167 5.42 24.88 -1.82
C VAL A 167 6.18 23.68 -1.28
N SER A 168 5.57 22.50 -1.32
CA SER A 168 6.16 21.33 -0.69
C SER A 168 7.48 20.94 -1.35
N PHE A 169 7.51 20.96 -2.68
CA PHE A 169 8.77 20.73 -3.37
C PHE A 169 9.67 21.95 -3.30
N GLY A 170 9.11 23.11 -2.96
CA GLY A 170 9.96 24.24 -2.60
C GLY A 170 10.64 24.05 -1.27
N LEU A 171 9.89 23.62 -0.26
CA LEU A 171 10.50 23.30 1.03
C LEU A 171 11.45 22.12 0.91
N MET A 172 11.03 21.08 0.19
CA MET A 172 11.89 19.92 0.01
C MET A 172 13.24 20.33 -0.55
N ALA A 173 13.23 21.21 -1.56
CA ALA A 173 14.48 21.58 -2.21
C ALA A 173 15.42 22.30 -1.26
N VAL A 174 14.88 23.17 -0.39
CA VAL A 174 15.76 23.88 0.54
C VAL A 174 16.33 22.91 1.58
N ARG A 175 15.49 22.02 2.12
CA ARG A 175 15.98 21.05 3.09
C ARG A 175 17.09 20.19 2.48
N LEU A 176 16.95 19.87 1.20
CA LEU A 176 18.05 19.19 0.51
C LEU A 176 19.28 20.07 0.46
N LEU A 177 19.09 21.37 0.22
CA LEU A 177 20.23 22.27 0.14
C LEU A 177 20.92 22.39 1.49
N GLN A 178 20.15 22.42 2.58
CA GLN A 178 20.77 22.46 3.90
C GLN A 178 21.60 21.20 4.15
N ASP A 179 20.99 20.03 3.95
CA ASP A 179 21.70 18.79 4.22
C ASP A 179 22.89 18.63 3.28
N LEU A 180 22.71 18.99 2.01
CA LEU A 180 23.83 18.94 1.07
C LEU A 180 24.96 19.85 1.53
N ALA A 181 24.62 21.03 2.04
CA ALA A 181 25.66 21.93 2.56
C ALA A 181 26.36 21.32 3.75
N GLY A 182 25.60 20.70 4.66
CA GLY A 182 26.22 20.03 5.78
C GLY A 182 27.10 18.87 5.35
N GLN A 183 26.63 18.09 4.38
CA GLN A 183 27.40 16.93 3.93
C GLN A 183 28.74 17.36 3.35
N VAL A 184 28.74 18.39 2.49
CA VAL A 184 29.99 18.80 1.87
C VAL A 184 30.99 19.27 2.92
N ARG A 185 30.49 19.89 3.99
CA ARG A 185 31.37 20.21 5.11
C ARG A 185 31.92 18.93 5.73
N ILE A 186 31.08 17.90 5.86
CA ILE A 186 31.54 16.64 6.43
C ILE A 186 32.53 15.95 5.50
N CYS A 187 32.24 15.94 4.19
CA CYS A 187 33.06 15.19 3.26
C CYS A 187 34.34 15.95 2.90
N GLY A 188 34.20 17.10 2.27
CA GLY A 188 35.32 17.89 1.83
C GLY A 188 35.24 18.23 0.36
N ALA A 189 36.26 18.94 -0.12
CA ALA A 189 36.27 19.41 -1.50
C ALA A 189 36.57 18.27 -2.47
N ALA A 190 37.50 17.39 -2.12
CA ALA A 190 37.81 16.27 -3.01
C ALA A 190 36.61 15.34 -3.14
N ASP A 191 35.97 15.01 -2.03
CA ASP A 191 34.81 14.13 -2.08
C ASP A 191 33.66 14.77 -2.86
N THR A 192 33.41 16.06 -2.62
CA THR A 192 32.24 16.71 -3.19
C THR A 192 32.28 16.68 -4.72
N VAL A 193 33.42 17.02 -5.30
CA VAL A 193 33.54 16.97 -6.76
C VAL A 193 33.39 15.53 -7.24
N ILE A 194 33.87 14.56 -6.45
CA ILE A 194 33.70 13.16 -6.80
C ILE A 194 32.23 12.79 -6.81
N GLY A 195 31.49 13.24 -5.79
CA GLY A 195 30.06 12.97 -5.76
C GLY A 195 29.31 13.64 -6.89
N LEU A 196 29.61 14.91 -7.15
CA LEU A 196 28.89 15.65 -8.18
C LEU A 196 29.23 15.12 -9.57
N ILE A 197 30.51 14.91 -9.87
CA ILE A 197 30.88 14.44 -11.19
C ILE A 197 30.23 13.09 -11.46
N LEU A 198 30.14 12.25 -10.45
CA LEU A 198 29.52 10.94 -10.62
C LEU A 198 28.06 11.09 -11.03
N CYS A 199 27.33 12.01 -10.39
CA CYS A 199 25.96 12.25 -10.80
C CYS A 199 25.89 12.79 -12.23
N ALA A 200 26.86 13.61 -12.62
CA ALA A 200 26.86 14.14 -13.98
C ALA A 200 26.98 13.02 -15.01
N VAL A 201 27.89 12.07 -14.78
CA VAL A 201 28.02 10.95 -15.69
C VAL A 201 26.77 10.08 -15.63
N LEU A 202 26.14 10.00 -14.47
CA LEU A 202 24.92 9.21 -14.34
C LEU A 202 23.80 9.75 -15.22
N ALA A 203 23.63 11.07 -15.23
CA ALA A 203 22.55 11.70 -15.99
C ALA A 203 22.97 12.13 -17.39
N ALA A 204 24.25 11.97 -17.75
CA ALA A 204 24.70 12.39 -19.08
C ALA A 204 23.99 11.64 -20.19
N PRO A 205 23.87 10.32 -20.18
CA PRO A 205 23.31 9.63 -21.35
C PRO A 205 21.89 10.05 -21.68
N LEU A 206 21.09 10.46 -20.69
CA LEU A 206 19.71 10.84 -20.98
C LEU A 206 19.66 11.99 -21.98
N PHE A 207 20.56 12.97 -21.82
CA PHE A 207 20.58 14.11 -22.73
C PHE A 207 21.51 13.93 -23.91
N ILE A 208 22.53 13.06 -23.79
CA ILE A 208 23.46 12.87 -24.90
C ILE A 208 22.76 12.26 -26.10
N ALA A 209 21.94 11.23 -25.87
CA ALA A 209 21.29 10.49 -26.94
C ALA A 209 19.89 11.02 -27.16
N ASP A 210 19.54 11.26 -28.42
CA ASP A 210 18.22 11.82 -28.73
C ASP A 210 17.10 10.88 -28.31
N TYR A 211 17.28 9.58 -28.52
CA TYR A 211 16.25 8.60 -28.17
C TYR A 211 16.92 7.32 -27.71
N ILE A 212 16.44 6.79 -26.58
CA ILE A 212 16.87 5.50 -26.08
C ILE A 212 15.62 4.70 -25.72
N ASP A 213 15.75 3.39 -25.78
CA ASP A 213 14.60 2.52 -25.56
C ASP A 213 14.01 2.78 -24.17
N PRO A 214 12.69 2.81 -24.04
CA PRO A 214 12.09 3.18 -22.75
C PRO A 214 12.44 2.23 -21.62
N LEU A 215 12.22 0.93 -21.81
CA LEU A 215 12.38 0.00 -20.70
C LEU A 215 13.81 -0.06 -20.18
N PRO A 216 14.84 -0.20 -21.01
CA PRO A 216 16.20 -0.25 -20.46
C PRO A 216 16.51 0.95 -19.59
N VAL A 217 16.07 2.14 -20.00
CA VAL A 217 16.30 3.34 -19.21
C VAL A 217 15.48 3.31 -17.93
N LEU A 218 14.22 2.87 -18.04
CA LEU A 218 13.35 2.82 -16.88
C LEU A 218 13.89 1.88 -15.82
N PHE A 219 14.20 0.64 -16.21
CA PHE A 219 14.72 -0.32 -15.25
C PHE A 219 16.19 -0.08 -14.96
N GLY A 220 16.97 0.29 -15.96
CA GLY A 220 18.39 0.50 -15.75
C GLY A 220 18.64 1.55 -14.69
N TYR A 221 17.90 2.65 -14.73
CA TYR A 221 18.09 3.70 -13.74
C TYR A 221 17.46 3.33 -12.40
N PHE A 222 16.31 2.66 -12.42
CA PHE A 222 15.66 2.30 -11.16
C PHE A 222 16.56 1.39 -10.33
N ALA A 223 17.27 0.47 -10.99
CA ALA A 223 18.22 -0.37 -10.27
C ALA A 223 19.35 0.46 -9.69
N LEU A 224 19.91 1.37 -10.48
CA LEU A 224 21.05 2.16 -10.01
C LEU A 224 20.67 2.97 -8.78
N PHE A 225 19.58 3.72 -8.87
CA PHE A 225 19.16 4.50 -7.72
C PHE A 225 18.83 3.61 -6.53
N LEU A 226 18.18 2.47 -6.78
CA LEU A 226 17.86 1.55 -5.70
C LEU A 226 19.13 1.02 -5.04
N VAL A 227 20.13 0.66 -5.85
CA VAL A 227 21.35 0.06 -5.32
C VAL A 227 22.19 1.09 -4.59
N VAL A 228 22.32 2.31 -5.15
CA VAL A 228 23.19 3.31 -4.56
C VAL A 228 22.72 3.68 -3.16
N GLY A 229 21.41 3.82 -2.97
CA GLY A 229 20.87 4.13 -1.67
C GLY A 229 19.72 5.12 -1.73
N VAL A 230 19.41 5.62 -2.92
CA VAL A 230 18.34 6.60 -3.04
C VAL A 230 17.05 5.97 -2.51
N PRO A 231 16.19 6.70 -1.81
CA PRO A 231 14.97 6.08 -1.30
C PRO A 231 14.16 5.47 -2.44
N ILE A 232 13.48 4.37 -2.13
CA ILE A 232 12.75 3.67 -3.17
C ILE A 232 11.76 4.61 -3.85
N ALA A 233 10.97 5.32 -3.06
CA ALA A 233 9.96 6.21 -3.63
C ALA A 233 10.60 7.17 -4.62
N ILE A 234 11.75 7.73 -4.27
CA ILE A 234 12.45 8.64 -5.17
C ILE A 234 13.05 7.87 -6.34
N GLY A 235 13.59 6.67 -6.08
CA GLY A 235 14.17 5.90 -7.17
C GLY A 235 13.17 5.64 -8.28
N LEU A 236 11.91 5.38 -7.90
CA LEU A 236 10.87 5.24 -8.90
C LEU A 236 10.68 6.54 -9.66
N GLY A 237 10.54 7.65 -8.94
CA GLY A 237 10.25 8.92 -9.60
C GLY A 237 11.32 9.31 -10.58
N LEU A 238 12.58 9.21 -10.17
CA LEU A 238 13.67 9.54 -11.09
C LEU A 238 13.72 8.57 -12.26
N ALA A 239 13.45 7.29 -12.01
CA ALA A 239 13.41 6.33 -13.10
C ALA A 239 12.34 6.71 -14.11
N ALA A 240 11.13 6.99 -13.63
CA ALA A 240 10.06 7.44 -14.52
C ALA A 240 10.43 8.76 -15.18
N LEU A 241 11.01 9.68 -14.41
CA LEU A 241 11.39 10.98 -14.96
C LEU A 241 12.46 10.81 -16.04
N ALA A 242 13.42 9.92 -15.82
CA ALA A 242 14.46 9.71 -16.82
C ALA A 242 13.89 9.15 -18.12
N THR A 243 12.95 8.21 -18.02
CA THR A 243 12.33 7.64 -19.21
C THR A 243 11.60 8.72 -20.00
N ILE A 244 10.85 9.58 -19.30
CA ILE A 244 10.12 10.64 -19.98
C ILE A 244 11.06 11.53 -20.76
N VAL A 245 12.25 11.77 -20.22
CA VAL A 245 13.22 12.65 -20.89
C VAL A 245 13.79 11.97 -22.12
N ALA A 246 14.44 10.82 -21.92
CA ALA A 246 15.11 10.16 -23.05
C ALA A 246 14.10 9.56 -24.01
N ALA A 247 13.09 8.86 -23.50
CA ALA A 247 12.16 8.14 -24.34
C ALA A 247 10.91 8.92 -24.69
N GLY A 248 10.56 9.94 -23.90
CA GLY A 248 9.37 10.70 -24.19
C GLY A 248 8.10 9.87 -24.14
N SER A 249 8.02 8.95 -23.18
CA SER A 249 6.82 8.13 -23.06
C SER A 249 5.60 8.99 -22.77
N LEU A 250 5.74 9.97 -21.89
CA LEU A 250 4.69 10.92 -21.57
C LEU A 250 5.25 12.34 -21.66
N PRO A 251 4.41 13.33 -21.90
CA PRO A 251 4.88 14.71 -21.82
C PRO A 251 5.38 15.01 -20.42
N ILE A 252 6.45 15.80 -20.33
CA ILE A 252 7.04 16.05 -19.03
C ILE A 252 6.03 16.69 -18.09
N ASP A 253 5.08 17.45 -18.65
CA ASP A 253 4.11 18.15 -17.80
C ASP A 253 3.17 17.17 -17.09
N TYR A 254 3.14 15.92 -17.51
CA TYR A 254 2.25 14.96 -16.87
C TYR A 254 2.68 14.61 -15.46
N VAL A 255 3.97 14.75 -15.15
CA VAL A 255 4.49 14.27 -13.86
C VAL A 255 3.78 14.98 -12.72
N ALA A 256 3.74 16.30 -12.75
CA ALA A 256 3.09 17.03 -11.67
C ALA A 256 1.62 16.68 -11.58
N GLN A 257 0.95 16.60 -12.73
CA GLN A 257 -0.48 16.29 -12.75
C GLN A 257 -0.73 14.88 -12.24
N ILE A 258 0.13 13.92 -12.62
CA ILE A 258 0.00 12.57 -12.09
C ILE A 258 0.23 12.55 -10.60
N ALA A 259 1.24 13.30 -10.14
CA ALA A 259 1.60 13.27 -8.72
C ALA A 259 0.43 13.65 -7.84
N PHE A 260 -0.27 14.73 -8.18
CA PHE A 260 -1.42 15.15 -7.38
C PHE A 260 -2.59 14.21 -7.60
N THR A 261 -2.85 13.84 -8.86
CA THR A 261 -4.02 13.02 -9.16
C THR A 261 -3.86 11.57 -8.74
N SER A 262 -2.63 11.07 -8.71
CA SER A 262 -2.42 9.65 -8.44
C SER A 262 -2.81 9.27 -7.02
N ILE A 263 -2.83 10.23 -6.10
CA ILE A 263 -3.18 9.95 -4.71
C ILE A 263 -4.35 10.82 -4.28
N ASP A 264 -5.22 11.15 -5.22
CA ASP A 264 -6.40 11.97 -4.95
C ASP A 264 -7.63 11.12 -4.63
N SER A 265 -7.43 9.91 -4.12
CA SER A 265 -8.51 8.96 -3.91
C SER A 265 -8.76 8.77 -2.42
N PHE A 266 -9.97 8.34 -2.10
CA PHE A 266 -10.37 8.16 -0.72
C PHE A 266 -9.81 6.87 -0.13
N PRO A 267 -9.82 5.75 -0.87
CA PRO A 267 -9.29 4.51 -0.30
C PRO A 267 -7.85 4.62 0.19
N ILE A 268 -7.02 5.43 -0.47
CA ILE A 268 -5.63 5.54 -0.05
C ILE A 268 -5.50 6.20 1.31
N MET A 269 -6.50 6.98 1.73
CA MET A 269 -6.41 7.67 3.02
C MET A 269 -6.39 6.73 4.21
N ALA A 270 -6.72 5.46 4.01
CA ALA A 270 -6.69 4.50 5.11
C ALA A 270 -5.27 4.22 5.58
N ILE A 271 -4.25 4.58 4.80
CA ILE A 271 -2.87 4.33 5.20
C ILE A 271 -2.50 5.24 6.36
N PRO A 272 -2.59 6.56 6.24
CA PRO A 272 -2.26 7.42 7.38
C PRO A 272 -3.13 7.16 8.60
N PHE A 273 -4.42 6.86 8.41
CA PHE A 273 -5.27 6.61 9.55
C PHE A 273 -4.80 5.40 10.34
N PHE A 274 -4.52 4.30 9.66
CA PHE A 274 -4.06 3.10 10.35
C PHE A 274 -2.70 3.33 10.98
N ILE A 275 -1.78 3.99 10.27
CA ILE A 275 -0.46 4.23 10.83
C ILE A 275 -0.55 5.07 12.08
N ALA A 276 -1.39 6.11 12.05
CA ALA A 276 -1.58 6.94 13.24
C ALA A 276 -2.17 6.12 14.39
N ALA A 277 -3.18 5.29 14.10
CA ALA A 277 -3.83 4.53 15.14
C ALA A 277 -2.84 3.58 15.82
N GLY A 278 -1.98 2.95 15.03
CA GLY A 278 -0.95 2.10 15.62
C GLY A 278 0.02 2.89 16.47
N VAL A 279 0.52 4.01 15.95
CA VAL A 279 1.56 4.76 16.65
C VAL A 279 1.03 5.29 17.98
N PHE A 280 -0.19 5.82 17.98
CA PHE A 280 -0.73 6.37 19.22
C PHE A 280 -1.03 5.28 20.24
N MET A 281 -1.02 4.02 19.84
CA MET A 281 -1.32 2.92 20.75
C MET A 281 -0.13 2.01 20.98
N GLY A 282 0.77 1.89 20.01
CA GLY A 282 1.97 1.12 20.23
C GLY A 282 2.84 1.70 21.32
N ALA A 283 3.01 3.02 21.31
CA ALA A 283 3.79 3.69 22.35
C ALA A 283 3.03 3.81 23.66
N GLY A 284 1.74 3.49 23.67
CA GLY A 284 0.96 3.67 24.88
C GLY A 284 1.44 2.82 26.03
N GLY A 285 1.81 1.56 25.74
CA GLY A 285 2.11 0.60 26.77
C GLY A 285 0.99 -0.38 27.07
N LEU A 286 -0.05 -0.41 26.25
CA LEU A 286 -1.05 -1.46 26.37
C LEU A 286 -0.51 -2.81 25.95
N SER A 287 0.57 -2.85 25.16
CA SER A 287 1.15 -4.12 24.75
C SER A 287 1.48 -4.98 25.96
N ARG A 288 1.89 -4.37 27.06
CA ARG A 288 2.11 -5.13 28.28
C ARG A 288 0.81 -5.76 28.79
N ARG A 289 -0.31 -5.04 28.66
CA ARG A 289 -1.58 -5.58 29.11
C ARG A 289 -1.98 -6.81 28.29
N LEU A 290 -1.77 -6.76 26.98
CA LEU A 290 -2.01 -7.95 26.16
C LEU A 290 -1.07 -9.08 26.55
N LEU A 291 0.21 -8.77 26.70
CA LEU A 291 1.19 -9.81 27.02
C LEU A 291 0.82 -10.53 28.30
N ASN A 292 0.27 -9.81 29.27
CA ASN A 292 -0.27 -10.47 30.46
C ASN A 292 -1.44 -11.37 30.10
N LEU A 293 -2.32 -10.91 29.22
CA LEU A 293 -3.46 -11.73 28.83
C LEU A 293 -3.01 -12.96 28.05
N ALA A 294 -2.04 -12.80 27.16
CA ALA A 294 -1.51 -13.95 26.44
C ALA A 294 -0.86 -14.93 27.40
N ASP A 295 -0.13 -14.41 28.39
CA ASP A 295 0.45 -15.27 29.41
C ASP A 295 -0.62 -16.05 30.15
N GLU A 296 -1.70 -15.37 30.53
CA GLU A 296 -2.77 -16.06 31.26
C GLU A 296 -3.29 -17.25 30.47
N MET A 297 -3.49 -17.07 29.17
CA MET A 297 -4.07 -18.13 28.36
C MET A 297 -3.10 -19.30 28.18
N LEU A 298 -1.84 -19.01 27.84
CA LEU A 298 -0.91 -20.03 27.39
C LEU A 298 0.35 -20.10 28.23
N GLY A 299 0.34 -19.55 29.44
CA GLY A 299 1.52 -19.62 30.28
C GLY A 299 1.74 -20.96 30.95
N ALA A 300 0.68 -21.76 31.08
CA ALA A 300 0.78 -23.01 31.81
C ALA A 300 1.52 -24.08 31.03
N LEU A 301 1.30 -24.14 29.71
CA LEU A 301 1.84 -25.22 28.90
C LEU A 301 3.35 -25.14 28.86
N PRO A 302 4.03 -26.25 28.59
CA PRO A 302 5.48 -26.20 28.38
C PRO A 302 5.81 -25.22 27.27
N GLY A 303 6.89 -24.49 27.45
CA GLY A 303 7.17 -23.38 26.55
C GLY A 303 6.09 -22.33 26.59
N GLY A 304 5.28 -22.31 27.65
CA GLY A 304 4.14 -21.41 27.68
C GLY A 304 4.54 -19.97 27.46
N MET A 305 5.77 -19.61 27.82
CA MET A 305 6.25 -18.25 27.57
C MET A 305 6.27 -17.94 26.08
N ALA A 306 6.87 -18.84 25.28
CA ALA A 306 6.93 -18.62 23.83
C ALA A 306 5.55 -18.74 23.20
N LEU A 307 4.64 -19.48 23.83
CA LEU A 307 3.25 -19.48 23.38
C LEU A 307 2.56 -18.17 23.75
N ALA A 308 2.95 -17.57 24.86
CA ALA A 308 2.41 -16.26 25.23
C ALA A 308 2.89 -15.19 24.27
N THR A 309 4.15 -15.25 23.84
CA THR A 309 4.67 -14.28 22.90
C THR A 309 3.85 -14.26 21.62
N ILE A 310 3.55 -15.45 21.08
CA ILE A 310 2.84 -15.54 19.81
C ILE A 310 1.39 -15.10 19.98
N GLY A 311 0.78 -15.44 21.10
CA GLY A 311 -0.57 -14.96 21.37
C GLY A 311 -0.62 -13.45 21.48
N THR A 312 0.42 -12.85 22.04
CA THR A 312 0.49 -11.40 22.15
C THR A 312 0.62 -10.75 20.76
N CYS A 313 1.54 -11.25 19.94
CA CYS A 313 1.72 -10.68 18.61
C CYS A 313 0.45 -10.82 17.78
N MET A 314 -0.23 -11.96 17.90
CA MET A 314 -1.49 -12.12 17.20
C MET A 314 -2.53 -11.14 17.70
N PHE A 315 -2.62 -10.96 19.02
CA PHE A 315 -3.54 -9.95 19.56
C PHE A 315 -3.14 -8.55 19.11
N PHE A 316 -1.85 -8.25 19.15
CA PHE A 316 -1.35 -6.97 18.68
C PHE A 316 -1.26 -6.91 17.17
N ALA A 317 -1.52 -8.01 16.47
CA ALA A 317 -1.61 -7.96 15.02
C ALA A 317 -2.92 -7.33 14.54
N ALA A 318 -3.96 -7.38 15.36
CA ALA A 318 -5.22 -6.74 15.05
C ALA A 318 -5.25 -5.27 15.43
N ILE A 319 -4.14 -4.74 15.94
CA ILE A 319 -3.99 -3.32 16.25
C ILE A 319 -3.05 -2.64 15.25
N SER A 320 -1.80 -3.08 15.19
CA SER A 320 -0.83 -2.50 14.28
C SER A 320 -0.99 -3.08 12.89
N GLY A 321 -0.79 -2.24 11.89
CA GLY A 321 -0.88 -2.67 10.51
C GLY A 321 0.48 -2.93 9.90
N SER A 322 1.49 -3.12 10.75
CA SER A 322 2.86 -3.28 10.27
C SER A 322 3.52 -4.41 11.03
N GLY A 323 4.56 -4.98 10.42
CA GLY A 323 5.33 -6.01 11.06
C GLY A 323 6.29 -5.44 12.08
N PRO A 324 7.23 -4.61 11.62
CA PRO A 324 8.21 -4.03 12.55
C PRO A 324 7.58 -3.26 13.69
N ALA A 325 6.39 -2.69 13.48
CA ALA A 325 5.67 -2.09 14.60
C ALA A 325 5.28 -3.16 15.62
N THR A 326 4.95 -4.36 15.15
CA THR A 326 4.57 -5.44 16.06
C THR A 326 5.78 -6.01 16.77
N VAL A 327 6.89 -6.23 16.05
CA VAL A 327 8.09 -6.76 16.69
C VAL A 327 8.56 -5.81 17.77
N ALA A 328 8.67 -4.52 17.44
CA ALA A 328 9.15 -3.55 18.41
C ALA A 328 8.21 -3.39 19.58
N ALA A 329 6.90 -3.37 19.34
CA ALA A 329 5.95 -3.15 20.41
C ALA A 329 5.89 -4.33 21.38
N ILE A 330 6.16 -5.54 20.91
CA ILE A 330 6.16 -6.73 21.74
C ILE A 330 7.57 -7.21 22.02
N GLY A 331 8.44 -7.18 21.02
CA GLY A 331 9.81 -7.65 21.22
C GLY A 331 10.51 -6.92 22.33
N SER A 332 10.16 -5.66 22.57
CA SER A 332 10.76 -4.90 23.65
C SER A 332 10.48 -5.56 24.99
N LEU A 333 9.27 -6.06 25.18
CA LEU A 333 8.89 -6.65 26.47
C LEU A 333 9.30 -8.12 26.56
N THR A 334 8.79 -8.95 25.65
CA THR A 334 8.91 -10.39 25.80
C THR A 334 10.37 -10.84 25.71
N ILE A 335 11.15 -10.27 24.80
CA ILE A 335 12.51 -10.76 24.59
C ILE A 335 13.34 -10.68 25.87
N PRO A 336 13.42 -9.55 26.57
CA PRO A 336 14.17 -9.58 27.85
C PRO A 336 13.57 -10.51 28.87
N ALA A 337 12.25 -10.67 28.87
CA ALA A 337 11.62 -11.59 29.82
C ALA A 337 11.95 -13.04 29.48
N MET A 338 11.92 -13.39 28.19
CA MET A 338 12.22 -14.77 27.80
C MET A 338 13.67 -15.12 28.16
N VAL A 339 14.61 -14.21 27.90
CA VAL A 339 16.00 -14.50 28.23
C VAL A 339 16.16 -14.71 29.72
N GLU A 340 15.51 -13.87 30.53
CA GLU A 340 15.63 -13.98 31.98
C GLU A 340 15.05 -15.30 32.48
N ARG A 341 13.94 -15.74 31.91
CA ARG A 341 13.35 -17.01 32.33
C ARG A 341 14.20 -18.20 31.92
N GLY A 342 15.18 -17.99 31.04
CA GLY A 342 16.11 -19.06 30.69
C GLY A 342 16.19 -19.37 29.22
N TYR A 343 15.25 -18.86 28.43
CA TYR A 343 15.24 -19.17 27.00
C TYR A 343 16.47 -18.60 26.33
N CYS A 344 16.97 -19.30 25.32
CA CYS A 344 18.05 -18.75 24.52
C CYS A 344 17.58 -17.43 23.93
N LYS A 345 18.44 -16.41 23.99
CA LYS A 345 18.04 -15.12 23.45
C LYS A 345 17.77 -15.21 21.95
N TYR A 346 18.60 -15.97 21.23
CA TYR A 346 18.41 -16.11 19.79
C TYR A 346 17.04 -16.69 19.46
N PHE A 347 16.61 -17.72 20.19
CA PHE A 347 15.29 -18.26 19.95
C PHE A 347 14.21 -17.24 20.29
N SER A 348 14.44 -16.43 21.31
CA SER A 348 13.49 -15.38 21.63
C SER A 348 13.44 -14.34 20.51
N ALA A 349 14.60 -14.01 19.94
CA ALA A 349 14.62 -13.10 18.81
C ALA A 349 13.91 -13.71 17.61
N ALA A 350 14.13 -15.00 17.38
CA ALA A 350 13.52 -15.66 16.22
C ALA A 350 12.02 -15.71 16.34
N ILE A 351 11.51 -16.20 17.46
CA ILE A 351 10.06 -16.40 17.58
C ILE A 351 9.34 -15.06 17.50
N VAL A 352 9.95 -13.99 18.00
CA VAL A 352 9.31 -12.68 17.96
C VAL A 352 9.28 -12.13 16.54
N ALA A 353 10.36 -12.32 15.78
CA ALA A 353 10.39 -11.81 14.42
C ALA A 353 9.31 -12.46 13.57
N ALA A 354 9.26 -13.79 13.57
CA ALA A 354 8.23 -14.50 12.80
C ALA A 354 6.85 -14.22 13.37
N ALA A 355 6.70 -14.23 14.69
CA ALA A 355 5.39 -14.01 15.28
C ALA A 355 4.85 -12.63 14.94
N GLY A 356 5.73 -11.64 14.75
CA GLY A 356 5.28 -10.32 14.40
C GLY A 356 4.84 -10.17 12.96
N ALA A 357 5.31 -11.04 12.06
CA ALA A 357 4.91 -10.95 10.66
C ALA A 357 3.42 -11.15 10.49
N ILE A 358 2.75 -11.75 11.49
CA ILE A 358 1.30 -11.84 11.48
C ILE A 358 0.63 -10.48 11.55
N GLY A 359 1.37 -9.44 11.91
CA GLY A 359 0.78 -8.11 11.99
C GLY A 359 0.22 -7.65 10.66
N VAL A 360 0.92 -7.94 9.56
CA VAL A 360 0.42 -7.56 8.24
C VAL A 360 -0.65 -8.52 7.72
N MET A 361 -0.75 -9.71 8.28
CA MET A 361 -1.79 -10.63 7.82
C MET A 361 -3.14 -10.29 8.44
N ILE A 362 -3.25 -10.38 9.75
CA ILE A 362 -4.53 -10.08 10.39
C ILE A 362 -4.84 -8.60 10.22
N PRO A 363 -6.04 -8.22 9.78
CA PRO A 363 -6.30 -6.82 9.51
C PRO A 363 -6.37 -6.03 10.80
N PRO A 364 -5.95 -4.75 10.79
CA PRO A 364 -5.48 -3.95 9.66
C PRO A 364 -4.10 -4.36 9.18
N SER A 365 -3.70 -3.86 8.01
CA SER A 365 -2.37 -4.12 7.48
C SER A 365 -2.09 -3.19 6.32
N ASN A 366 -0.92 -2.56 6.31
CA ASN A 366 -0.58 -1.68 5.21
C ASN A 366 -0.53 -2.42 3.88
N PRO A 367 0.15 -3.56 3.76
CA PRO A 367 0.30 -4.17 2.44
C PRO A 367 -1.01 -4.44 1.75
N PHE A 368 -2.06 -4.84 2.48
CA PHE A 368 -3.35 -5.00 1.83
C PHE A 368 -3.86 -3.66 1.30
N VAL A 369 -3.71 -2.60 2.08
CA VAL A 369 -4.19 -1.29 1.64
C VAL A 369 -3.38 -0.80 0.44
N VAL A 370 -2.08 -1.07 0.44
CA VAL A 370 -1.27 -0.71 -0.73
C VAL A 370 -1.71 -1.52 -1.94
N TYR A 371 -2.08 -2.79 -1.72
CA TYR A 371 -2.53 -3.63 -2.82
C TYR A 371 -3.93 -3.24 -3.29
N GLY A 372 -4.83 -3.00 -2.35
CA GLY A 372 -6.19 -2.63 -2.74
C GLY A 372 -6.22 -1.37 -3.58
N VAL A 373 -5.31 -0.44 -3.31
CA VAL A 373 -5.24 0.79 -4.10
C VAL A 373 -4.52 0.55 -5.42
N SER A 374 -3.37 -0.12 -5.39
CA SER A 374 -2.59 -0.30 -6.61
C SER A 374 -3.29 -1.24 -7.57
N ALA A 375 -3.95 -2.27 -7.06
CA ALA A 375 -4.69 -3.20 -7.91
C ALA A 375 -6.14 -2.79 -8.13
N GLN A 376 -6.62 -1.76 -7.43
CA GLN A 376 -8.02 -1.37 -7.49
C GLN A 376 -8.94 -2.52 -7.09
N ALA A 377 -8.44 -3.40 -6.23
CA ALA A 377 -9.22 -4.49 -5.68
C ALA A 377 -9.93 -4.03 -4.41
N SER A 378 -10.75 -4.92 -3.87
CA SER A 378 -11.57 -4.59 -2.70
C SER A 378 -10.74 -4.76 -1.44
N ILE A 379 -10.53 -3.66 -0.71
CA ILE A 379 -9.82 -3.74 0.56
C ILE A 379 -10.68 -4.45 1.60
N GLY A 380 -11.99 -4.24 1.56
CA GLY A 380 -12.86 -4.95 2.48
C GLY A 380 -12.81 -6.45 2.34
N LYS A 381 -12.33 -6.95 1.19
CA LYS A 381 -12.19 -8.38 0.97
C LYS A 381 -10.78 -8.87 1.25
N LEU A 382 -9.76 -8.07 0.92
CA LEU A 382 -8.39 -8.45 1.25
C LEU A 382 -8.20 -8.56 2.76
N PHE A 383 -8.79 -7.62 3.51
CA PHE A 383 -8.66 -7.66 4.97
C PHE A 383 -9.19 -8.97 5.53
N MET A 384 -10.43 -9.32 5.20
CA MET A 384 -10.98 -10.58 5.65
C MET A 384 -10.23 -11.76 5.05
N GLY A 385 -9.56 -11.56 3.93
CA GLY A 385 -8.82 -12.65 3.32
C GLY A 385 -7.68 -13.14 4.18
N GLY A 386 -6.91 -12.22 4.74
CA GLY A 386 -5.70 -12.56 5.46
C GLY A 386 -5.89 -13.08 6.86
N ILE A 387 -7.12 -13.14 7.36
CA ILE A 387 -7.34 -13.62 8.72
C ILE A 387 -6.91 -15.08 8.84
N VAL A 388 -7.40 -15.93 7.94
CA VAL A 388 -7.18 -17.37 8.05
C VAL A 388 -5.70 -17.69 7.88
N PRO A 389 -5.02 -17.16 6.87
CA PRO A 389 -3.56 -17.35 6.83
C PRO A 389 -2.86 -16.86 8.08
N GLY A 390 -3.37 -15.79 8.68
CA GLY A 390 -2.75 -15.30 9.91
C GLY A 390 -2.90 -16.26 11.07
N LEU A 391 -4.10 -16.84 11.23
CA LEU A 391 -4.30 -17.83 12.29
C LEU A 391 -3.43 -19.05 12.05
N LEU A 392 -3.39 -19.55 10.81
CA LEU A 392 -2.63 -20.75 10.53
C LEU A 392 -1.15 -20.55 10.81
N THR A 393 -0.62 -19.37 10.49
CA THR A 393 0.78 -19.10 10.80
C THR A 393 1.02 -19.12 12.30
N GLY A 394 0.13 -18.51 13.07
CA GLY A 394 0.29 -18.53 14.52
C GLY A 394 0.19 -19.92 15.10
N LEU A 395 -0.80 -20.70 14.65
CA LEU A 395 -0.89 -22.08 15.09
C LEU A 395 0.34 -22.86 14.69
N ALA A 396 0.87 -22.61 13.49
CA ALA A 396 2.08 -23.31 13.07
C ALA A 396 3.23 -23.01 13.99
N LEU A 397 3.41 -21.74 14.36
CA LEU A 397 4.52 -21.38 15.23
C LEU A 397 4.31 -21.90 16.64
N MET A 398 3.08 -21.80 17.16
CA MET A 398 2.83 -22.27 18.52
C MET A 398 3.10 -23.76 18.65
N ALA A 399 2.70 -24.55 17.65
CA ALA A 399 2.98 -25.98 17.69
C ALA A 399 4.47 -26.25 17.66
N TYR A 400 5.22 -25.55 16.81
CA TYR A 400 6.66 -25.74 16.77
C TYR A 400 7.31 -25.31 18.08
N SER A 401 6.86 -24.19 18.65
CA SER A 401 7.39 -23.75 19.93
C SER A 401 7.14 -24.79 21.01
N TYR A 402 5.92 -25.34 21.05
CA TYR A 402 5.62 -26.40 22.01
C TYR A 402 6.56 -27.57 21.82
N TRP A 403 6.84 -27.93 20.56
CA TRP A 403 7.75 -29.04 20.29
C TRP A 403 9.16 -28.71 20.74
N TYR A 404 9.63 -27.50 20.43
CA TYR A 404 10.98 -27.11 20.82
C TYR A 404 11.12 -27.04 22.33
N SER A 405 10.16 -26.40 23.00
CA SER A 405 10.23 -26.26 24.45
C SER A 405 10.23 -27.62 25.13
N LYS A 406 9.24 -28.45 24.83
CA LYS A 406 9.20 -29.80 25.41
C LYS A 406 10.50 -30.53 25.13
N LYS A 407 11.09 -30.31 23.96
CA LYS A 407 12.36 -30.96 23.65
C LYS A 407 13.47 -30.47 24.57
N ARG A 408 13.55 -29.16 24.81
CA ARG A 408 14.65 -28.57 25.56
C ARG A 408 14.36 -28.47 27.06
N GLY A 409 13.21 -28.94 27.52
CA GLY A 409 12.90 -28.87 28.92
C GLY A 409 12.49 -27.50 29.42
N TRP A 410 12.33 -26.53 28.54
CA TRP A 410 11.90 -25.21 28.95
C TRP A 410 10.46 -25.28 29.47
N LYS A 411 10.11 -24.32 30.31
CA LYS A 411 8.80 -24.30 30.94
C LYS A 411 8.39 -22.87 31.20
N GLY A 412 7.09 -22.66 31.38
CA GLY A 412 6.57 -21.37 31.74
C GLY A 412 6.55 -21.15 33.23
N GLU A 413 5.96 -20.03 33.63
CA GLU A 413 5.86 -19.69 35.04
C GLU A 413 4.75 -20.50 35.70
N VAL A 414 4.74 -20.47 37.03
CA VAL A 414 3.74 -21.17 37.83
C VAL A 414 2.83 -20.12 38.47
N ARG A 415 1.52 -20.33 38.36
CA ARG A 415 0.55 -19.36 38.83
C ARG A 415 -0.83 -20.00 38.75
N ASP A 416 -1.69 -19.66 39.70
CA ASP A 416 -3.03 -20.24 39.80
C ASP A 416 -4.00 -19.43 38.95
N ARG A 417 -3.82 -19.53 37.65
CA ARG A 417 -4.75 -18.90 36.72
C ARG A 417 -6.09 -19.63 36.77
N ASN A 418 -7.17 -18.86 36.78
CA ASN A 418 -8.51 -19.41 36.87
C ASN A 418 -9.48 -18.44 36.20
N LEU A 419 -10.78 -18.72 36.33
CA LEU A 419 -11.77 -17.86 35.69
C LEU A 419 -11.73 -16.46 36.28
N LYS A 420 -11.48 -16.34 37.58
CA LYS A 420 -11.33 -15.01 38.17
C LYS A 420 -10.18 -14.25 37.54
N THR A 421 -8.99 -14.87 37.50
CA THR A 421 -7.82 -14.17 36.99
C THR A 421 -7.98 -13.86 35.51
N PHE A 422 -8.50 -14.80 34.72
CA PHE A 422 -8.66 -14.55 33.30
C PHE A 422 -9.57 -13.35 33.06
N MET A 423 -10.70 -13.28 33.77
CA MET A 423 -11.61 -12.16 33.61
C MET A 423 -10.93 -10.85 34.00
N HIS A 424 -10.06 -10.90 35.02
CA HIS A 424 -9.33 -9.69 35.39
C HIS A 424 -8.38 -9.25 34.27
N ALA A 425 -7.68 -10.21 33.66
CA ALA A 425 -6.76 -9.86 32.58
C ALA A 425 -7.51 -9.29 31.38
N VAL A 426 -8.67 -9.87 31.06
CA VAL A 426 -9.47 -9.34 29.96
C VAL A 426 -9.89 -7.90 30.24
N TRP A 427 -10.35 -7.63 31.46
CA TRP A 427 -10.80 -6.30 31.79
C TRP A 427 -9.67 -5.28 31.62
N GLU A 428 -8.45 -5.66 31.96
CA GLU A 428 -7.34 -4.73 31.89
C GLU A 428 -7.03 -4.35 30.44
N ALA A 429 -6.97 -5.33 29.55
CA ALA A 429 -6.62 -5.08 28.16
C ALA A 429 -7.82 -4.61 27.33
N LYS A 430 -8.93 -4.25 27.96
CA LYS A 430 -10.16 -3.92 27.24
C LYS A 430 -9.92 -2.90 26.15
N TRP A 431 -9.14 -1.85 26.44
CA TRP A 431 -8.87 -0.84 25.42
C TRP A 431 -8.15 -1.44 24.23
N ALA A 432 -7.23 -2.36 24.47
CA ALA A 432 -6.55 -3.03 23.37
C ALA A 432 -7.52 -3.88 22.56
N LEU A 433 -8.44 -4.58 23.24
CA LEU A 433 -9.36 -5.47 22.55
C LEU A 433 -10.55 -4.75 21.95
N MET A 434 -10.71 -3.44 22.20
CA MET A 434 -11.82 -2.71 21.62
C MET A 434 -11.56 -2.36 20.16
N VAL A 435 -10.31 -2.14 19.79
CA VAL A 435 -10.00 -1.74 18.41
C VAL A 435 -10.40 -2.81 17.41
N PRO A 436 -10.04 -4.08 17.58
CA PRO A 436 -10.40 -5.08 16.56
C PRO A 436 -11.88 -5.14 16.29
N VAL A 437 -12.71 -4.84 17.29
CA VAL A 437 -14.15 -4.80 17.05
C VAL A 437 -14.48 -3.74 16.02
N ILE A 438 -13.86 -2.56 16.14
CA ILE A 438 -14.21 -1.44 15.27
C ILE A 438 -13.76 -1.71 13.84
N VAL A 439 -12.52 -2.16 13.67
CA VAL A 439 -11.99 -2.36 12.32
C VAL A 439 -12.69 -3.53 11.64
N LEU A 440 -12.92 -4.63 12.35
CA LEU A 440 -13.56 -5.79 11.74
C LEU A 440 -15.07 -5.58 11.64
N GLY A 441 -15.70 -5.17 12.73
CA GLY A 441 -17.14 -4.96 12.69
C GLY A 441 -17.54 -3.94 11.64
N GLY A 442 -16.74 -2.89 11.46
CA GLY A 442 -17.07 -1.88 10.46
C GLY A 442 -16.96 -2.41 9.05
N ILE A 443 -15.95 -3.24 8.77
CA ILE A 443 -15.70 -3.70 7.42
C ILE A 443 -16.50 -4.96 7.14
N TYR A 444 -16.28 -6.01 7.93
CA TYR A 444 -16.97 -7.27 7.71
C TYR A 444 -18.48 -7.07 7.72
N GLY A 445 -18.98 -6.29 8.67
CA GLY A 445 -20.41 -6.11 8.81
C GLY A 445 -21.06 -5.27 7.74
N GLY A 446 -20.28 -4.78 6.77
CA GLY A 446 -20.85 -3.94 5.73
C GLY A 446 -21.38 -2.63 6.24
N ILE A 447 -20.92 -2.18 7.40
CA ILE A 447 -21.40 -0.94 7.98
C ILE A 447 -20.59 0.24 7.49
N MET A 448 -19.29 0.08 7.30
CA MET A 448 -18.40 1.20 7.02
C MET A 448 -17.40 0.82 5.93
N THR A 449 -16.97 1.84 5.20
CA THR A 449 -15.92 1.66 4.22
C THR A 449 -14.60 1.37 4.94
N PRO A 450 -13.66 0.68 4.28
CA PRO A 450 -12.36 0.47 4.94
C PRO A 450 -11.66 1.74 5.38
N THR A 451 -11.76 2.84 4.63
CA THR A 451 -11.11 4.06 5.06
C THR A 451 -11.90 4.77 6.15
N GLU A 452 -13.23 4.65 6.14
CA GLU A 452 -14.01 5.18 7.26
C GLU A 452 -13.65 4.46 8.55
N ALA A 453 -13.56 3.14 8.51
CA ALA A 453 -13.21 2.38 9.70
C ALA A 453 -11.79 2.71 10.15
N ALA A 454 -10.89 2.94 9.20
CA ALA A 454 -9.54 3.35 9.56
C ALA A 454 -9.56 4.67 10.32
N ALA A 455 -10.36 5.63 9.85
CA ALA A 455 -10.40 6.94 10.50
C ALA A 455 -10.90 6.85 11.93
N LEU A 456 -11.98 6.10 12.16
CA LEU A 456 -12.46 5.93 13.52
C LEU A 456 -11.40 5.33 14.41
N ALA A 457 -10.53 4.49 13.84
CA ALA A 457 -9.46 3.89 14.64
C ALA A 457 -8.46 4.94 15.09
N ALA A 458 -8.01 5.81 14.20
CA ALA A 458 -7.07 6.85 14.58
C ALA A 458 -7.69 7.78 15.61
N PHE A 459 -8.92 8.24 15.36
CA PHE A 459 -9.62 9.04 16.36
C PHE A 459 -9.65 8.34 17.70
N TYR A 460 -9.95 7.04 17.71
CA TYR A 460 -9.91 6.27 18.94
C TYR A 460 -8.50 6.21 19.51
N GLY A 461 -7.50 6.06 18.64
CA GLY A 461 -6.12 6.02 19.12
C GLY A 461 -5.72 7.29 19.83
N LEU A 462 -6.14 8.44 19.32
CA LEU A 462 -5.88 9.70 20.01
C LEU A 462 -6.55 9.72 21.37
N ILE A 463 -7.82 9.33 21.42
CA ILE A 463 -8.58 9.41 22.67
C ILE A 463 -7.91 8.58 23.75
N ILE A 464 -7.50 7.36 23.40
CA ILE A 464 -6.77 6.52 24.34
C ILE A 464 -5.29 6.89 24.40
N GLY A 465 -4.80 7.68 23.44
CA GLY A 465 -3.41 8.10 23.43
C GLY A 465 -3.11 9.30 24.30
N CYS A 466 -4.13 9.91 24.89
CA CYS A 466 -3.95 11.05 25.78
C CYS A 466 -4.76 10.93 27.06
N PHE A 467 -5.98 10.41 26.99
CA PHE A 467 -6.86 10.35 28.15
C PHE A 467 -6.71 9.07 28.96
N VAL A 468 -5.78 8.19 28.59
CA VAL A 468 -5.46 7.02 29.38
C VAL A 468 -3.97 6.91 29.68
N HIS A 469 -3.12 7.69 29.02
CA HIS A 469 -1.70 7.77 29.38
C HIS A 469 -1.38 9.12 30.01
N CYS A 474 2.09 17.32 26.37
CA CYS A 474 1.75 17.90 25.08
C CYS A 474 2.90 17.73 24.10
N GLY A 475 4.13 17.96 24.57
CA GLY A 475 5.28 17.83 23.70
C GLY A 475 5.44 16.43 23.14
N SER A 476 5.21 15.40 23.98
CA SER A 476 5.22 14.03 23.48
C SER A 476 4.08 13.79 22.49
N PHE A 477 2.87 14.24 22.84
CA PHE A 477 1.74 14.06 21.93
C PHE A 477 1.97 14.79 20.62
N TYR A 478 2.51 16.00 20.67
CA TYR A 478 2.89 16.70 19.46
C TYR A 478 3.91 15.91 18.68
N ASP A 479 4.89 15.33 19.37
CA ASP A 479 5.94 14.60 18.68
C ASP A 479 5.40 13.31 18.06
N CYS A 480 4.45 12.66 18.72
CA CYS A 480 3.88 11.45 18.14
C CYS A 480 3.15 11.76 16.84
N VAL A 481 2.34 12.82 16.83
CA VAL A 481 1.57 13.15 15.64
C VAL A 481 2.48 13.41 14.46
N VAL A 482 3.62 14.04 14.70
CA VAL A 482 4.60 14.22 13.64
C VAL A 482 5.14 12.88 13.17
N GLU A 483 5.26 11.91 14.08
CA GLU A 483 5.78 10.60 13.70
C GLU A 483 4.80 9.85 12.83
N ALA A 484 3.51 9.87 13.19
CA ALA A 484 2.51 9.21 12.35
C ALA A 484 2.47 9.82 10.96
N ALA A 485 2.35 11.15 10.88
CA ALA A 485 2.33 11.81 9.58
C ALA A 485 3.63 11.60 8.83
N GLY A 486 4.76 11.62 9.53
CA GLY A 486 6.01 11.32 8.88
C GLY A 486 6.07 9.90 8.35
N THR A 487 5.47 8.96 9.10
CA THR A 487 5.49 7.57 8.66
C THR A 487 4.53 7.33 7.49
N SER A 488 3.33 7.90 7.55
CA SER A 488 2.38 7.73 6.45
C SER A 488 2.94 8.31 5.16
N ALA A 489 3.54 9.49 5.24
CA ALA A 489 4.06 10.13 4.05
C ALA A 489 5.13 9.27 3.38
N MET A 490 5.78 8.40 4.15
CA MET A 490 6.77 7.50 3.55
C MET A 490 6.11 6.54 2.57
N VAL A 491 4.83 6.27 2.76
CA VAL A 491 4.12 5.31 1.92
C VAL A 491 3.38 6.01 0.78
N ILE A 492 2.68 7.10 1.08
CA ILE A 492 1.92 7.79 0.06
C ILE A 492 2.83 8.31 -1.04
N VAL A 493 3.96 8.92 -0.65
CA VAL A 493 4.91 9.41 -1.65
C VAL A 493 5.42 8.25 -2.50
N LEU A 494 5.59 7.08 -1.90
CA LEU A 494 5.97 5.90 -2.66
C LEU A 494 4.87 5.53 -3.66
N MET A 495 3.61 5.59 -3.24
CA MET A 495 2.53 5.22 -4.13
C MET A 495 2.39 6.22 -5.28
N SER A 496 2.53 7.51 -4.99
CA SER A 496 2.47 8.52 -6.05
C SER A 496 3.55 8.28 -7.09
N MET A 497 4.79 8.08 -6.64
CA MET A 497 5.88 7.84 -7.58
C MET A 497 5.72 6.49 -8.29
N ALA A 498 5.11 5.52 -7.61
CA ALA A 498 4.83 4.25 -8.26
C ALA A 498 3.79 4.40 -9.37
N THR A 499 2.77 5.23 -9.16
CA THR A 499 1.75 5.43 -10.18
C THR A 499 2.35 5.99 -11.45
N ILE A 500 3.26 6.95 -11.33
CA ILE A 500 4.00 7.41 -12.49
C ILE A 500 4.79 6.26 -13.09
N PHE A 501 5.45 5.48 -12.24
CA PHE A 501 6.23 4.34 -12.70
C PHE A 501 5.33 3.31 -13.38
N GLY A 502 4.23 2.94 -12.71
CA GLY A 502 3.34 1.95 -13.31
C GLY A 502 2.76 2.42 -14.62
N ASN A 503 2.51 3.72 -14.74
CA ASN A 503 1.94 4.26 -15.97
C ASN A 503 2.90 4.09 -17.14
N ILE A 504 4.19 4.34 -16.91
CA ILE A 504 5.15 4.21 -18.01
C ILE A 504 5.29 2.74 -18.40
N MET A 505 5.22 1.83 -17.43
CA MET A 505 5.29 0.42 -17.77
C MET A 505 4.09 -0.02 -18.60
N THR A 506 2.88 0.39 -18.21
CA THR A 506 1.70 0.01 -18.97
C THR A 506 1.76 0.57 -20.38
N ILE A 507 2.20 1.82 -20.53
CA ILE A 507 2.31 2.43 -21.85
C ILE A 507 3.22 1.62 -22.76
N GLU A 508 4.12 0.82 -22.18
CA GLU A 508 5.02 -0.03 -22.95
C GLU A 508 4.54 -1.47 -23.03
N GLU A 509 3.30 -1.74 -22.63
CA GLU A 509 2.72 -3.08 -22.74
C GLU A 509 3.55 -4.12 -22.02
N VAL A 510 4.24 -3.72 -20.95
CA VAL A 510 5.00 -4.69 -20.15
C VAL A 510 4.11 -5.77 -19.58
N PRO A 511 2.95 -5.46 -19.00
CA PRO A 511 2.12 -6.55 -18.44
C PRO A 511 1.77 -7.61 -19.45
N THR A 512 1.55 -7.25 -20.71
CA THR A 512 1.30 -8.25 -21.74
C THR A 512 2.59 -8.96 -22.15
N THR A 513 3.69 -8.22 -22.28
CA THR A 513 4.95 -8.84 -22.67
C THR A 513 5.34 -9.94 -21.69
N ILE A 514 5.13 -9.69 -20.40
CA ILE A 514 5.36 -10.72 -19.40
C ILE A 514 4.30 -11.82 -19.50
N ALA A 515 3.04 -11.43 -19.72
CA ALA A 515 1.97 -12.42 -19.76
C ALA A 515 2.17 -13.42 -20.89
N GLN A 516 2.56 -12.94 -22.07
CA GLN A 516 2.74 -13.85 -23.19
C GLN A 516 3.85 -14.84 -22.93
N ALA A 517 4.96 -14.37 -22.34
CA ALA A 517 6.08 -15.27 -22.08
C ALA A 517 5.69 -16.36 -21.09
N MET A 518 4.97 -16.00 -20.03
CA MET A 518 4.58 -17.00 -19.04
C MET A 518 3.64 -18.05 -19.63
N LEU A 519 2.61 -17.61 -20.35
CA LEU A 519 1.68 -18.56 -20.94
C LEU A 519 2.39 -19.48 -21.91
N GLY A 520 3.24 -18.93 -22.77
CA GLY A 520 3.96 -19.77 -23.72
C GLY A 520 4.82 -20.80 -23.04
N LEU A 521 5.51 -20.40 -21.97
CA LEU A 521 6.32 -21.34 -21.20
C LEU A 521 5.44 -22.45 -20.63
N THR A 522 4.37 -22.07 -19.95
CA THR A 522 3.40 -23.01 -19.42
C THR A 522 2.05 -22.30 -19.36
N THR A 523 1.00 -23.11 -19.33
CA THR A 523 -0.35 -22.58 -19.27
C THR A 523 -1.12 -23.02 -18.04
N ASP A 524 -0.65 -24.03 -17.32
CA ASP A 524 -1.38 -24.50 -16.16
C ASP A 524 -1.46 -23.42 -15.11
N LYS A 525 -2.66 -23.26 -14.54
CA LYS A 525 -2.82 -22.28 -13.48
C LYS A 525 -1.89 -22.58 -12.31
N ILE A 526 -1.80 -23.85 -11.91
CA ILE A 526 -0.98 -24.23 -10.78
C ILE A 526 0.49 -23.93 -11.06
N ALA A 527 0.97 -24.34 -12.22
CA ALA A 527 2.38 -24.10 -12.56
C ALA A 527 2.68 -22.63 -12.61
N ILE A 528 1.67 -21.80 -12.84
CA ILE A 528 1.87 -20.35 -12.87
C ILE A 528 1.98 -19.81 -11.46
N LEU A 529 1.03 -20.19 -10.59
CA LEU A 529 1.02 -19.67 -9.24
C LEU A 529 2.27 -20.10 -8.47
N LEU A 530 2.84 -21.25 -8.83
CA LEU A 530 4.13 -21.62 -8.27
C LEU A 530 5.22 -20.65 -8.71
N MET A 531 5.20 -20.24 -9.98
CA MET A 531 6.25 -19.35 -10.46
C MET A 531 6.16 -18.00 -9.78
N ILE A 532 4.95 -17.45 -9.64
CA ILE A 532 4.82 -16.19 -8.92
C ILE A 532 5.28 -16.34 -7.48
N ASN A 533 4.80 -17.38 -6.80
CA ASN A 533 5.13 -17.51 -5.38
C ASN A 533 6.63 -17.61 -5.18
N VAL A 534 7.32 -18.30 -6.08
CA VAL A 534 8.77 -18.35 -6.00
C VAL A 534 9.36 -16.97 -6.24
N LEU A 535 8.86 -16.26 -7.25
CA LEU A 535 9.45 -14.97 -7.59
C LEU A 535 9.37 -14.01 -6.43
N LEU A 536 8.21 -13.97 -5.76
CA LEU A 536 8.05 -13.09 -4.61
C LEU A 536 8.97 -13.50 -3.46
N LEU A 537 9.21 -14.80 -3.31
CA LEU A 537 10.12 -15.24 -2.25
C LEU A 537 11.52 -14.71 -2.49
N ILE A 538 12.02 -14.79 -3.72
CA ILE A 538 13.33 -14.24 -4.02
C ILE A 538 13.33 -12.74 -3.84
N ILE A 539 12.22 -12.08 -4.20
CA ILE A 539 12.17 -10.62 -4.07
C ILE A 539 12.15 -10.22 -2.60
N GLY A 540 11.46 -10.99 -1.76
CA GLY A 540 11.32 -10.63 -0.36
C GLY A 540 12.61 -10.62 0.43
N THR A 541 13.64 -11.32 -0.05
CA THR A 541 14.92 -11.30 0.62
C THR A 541 15.78 -10.12 0.19
N PHE A 542 15.27 -9.26 -0.69
CA PHE A 542 16.05 -8.16 -1.23
C PHE A 542 15.30 -6.83 -1.27
N MET A 543 13.98 -6.82 -1.14
CA MET A 543 13.18 -5.64 -1.37
C MET A 543 12.16 -5.49 -0.26
N GLU A 544 11.74 -4.24 -0.02
CA GLU A 544 10.70 -3.97 0.95
C GLU A 544 9.37 -4.52 0.48
N ALA A 545 8.50 -4.83 1.44
CA ALA A 545 7.19 -5.40 1.10
C ALA A 545 6.36 -4.42 0.28
N LEU A 546 6.21 -3.19 0.77
CA LEU A 546 5.34 -2.24 0.08
C LEU A 546 5.94 -1.79 -1.23
N ALA A 547 7.25 -1.61 -1.28
CA ALA A 547 7.89 -1.21 -2.53
C ALA A 547 7.67 -2.26 -3.60
N ALA A 548 7.80 -3.54 -3.25
CA ALA A 548 7.59 -4.60 -4.22
C ALA A 548 6.14 -4.66 -4.67
N ILE A 549 5.20 -4.43 -3.76
CA ILE A 549 3.79 -4.54 -4.12
C ILE A 549 3.45 -3.56 -5.23
N VAL A 550 3.85 -2.30 -5.06
CA VAL A 550 3.48 -1.28 -6.03
C VAL A 550 4.20 -1.51 -7.35
N ILE A 551 5.46 -1.95 -7.29
CA ILE A 551 6.20 -2.19 -8.52
C ILE A 551 5.64 -3.40 -9.27
N LEU A 552 5.28 -4.45 -8.53
CA LEU A 552 4.95 -5.71 -9.17
C LEU A 552 3.47 -5.87 -9.51
N THR A 553 2.57 -5.32 -8.70
CA THR A 553 1.14 -5.47 -8.98
C THR A 553 0.77 -5.03 -10.40
N PRO A 554 1.31 -3.93 -10.93
CA PRO A 554 0.97 -3.56 -12.30
C PRO A 554 1.30 -4.62 -13.33
N ILE A 555 2.29 -5.47 -13.06
CA ILE A 555 2.73 -6.46 -14.04
C ILE A 555 2.06 -7.80 -13.82
N LEU A 556 2.03 -8.28 -12.57
CA LEU A 556 1.53 -9.62 -12.31
C LEU A 556 0.01 -9.71 -12.37
N LEU A 557 -0.69 -8.63 -12.05
CA LEU A 557 -2.14 -8.70 -11.93
C LEU A 557 -2.83 -9.20 -13.19
N PRO A 558 -2.45 -8.79 -14.40
CA PRO A 558 -3.19 -9.29 -15.58
C PRO A 558 -2.97 -10.76 -15.86
N ILE A 559 -1.72 -11.24 -15.91
CA ILE A 559 -1.49 -12.64 -16.27
C ILE A 559 -2.22 -13.56 -15.32
N VAL A 560 -2.09 -13.34 -14.02
CA VAL A 560 -2.75 -14.23 -13.07
C VAL A 560 -4.25 -14.18 -13.27
N LEU A 561 -4.78 -13.04 -13.70
CA LEU A 561 -6.21 -12.95 -13.99
C LEU A 561 -6.57 -13.73 -15.23
N LYS A 562 -5.69 -13.76 -16.24
CA LYS A 562 -5.99 -14.46 -17.47
C LYS A 562 -6.22 -15.94 -17.22
N VAL A 563 -5.42 -16.53 -16.34
CA VAL A 563 -5.49 -17.96 -16.06
C VAL A 563 -6.55 -18.25 -15.01
N GLY A 564 -7.29 -17.22 -14.61
CA GLY A 564 -8.45 -17.42 -13.75
C GLY A 564 -8.21 -17.30 -12.26
N VAL A 565 -7.10 -16.72 -11.84
CA VAL A 565 -6.85 -16.48 -10.42
C VAL A 565 -7.64 -15.25 -10.00
N ASP A 566 -8.40 -15.38 -8.92
CA ASP A 566 -9.17 -14.24 -8.43
C ASP A 566 -8.22 -13.11 -8.09
N PRO A 567 -8.56 -11.86 -8.42
CA PRO A 567 -7.66 -10.75 -8.06
C PRO A 567 -7.42 -10.63 -6.58
N VAL A 568 -8.45 -10.82 -5.76
CA VAL A 568 -8.27 -10.78 -4.31
C VAL A 568 -7.37 -11.92 -3.86
N HIS A 569 -7.64 -13.13 -4.32
CA HIS A 569 -6.83 -14.28 -3.93
C HIS A 569 -5.37 -14.04 -4.23
N PHE A 570 -5.06 -13.50 -5.40
CA PHE A 570 -3.68 -13.18 -5.72
C PHE A 570 -3.13 -12.15 -4.75
N GLY A 571 -4.01 -11.32 -4.18
CA GLY A 571 -3.54 -10.36 -3.21
C GLY A 571 -3.08 -11.02 -1.93
N ILE A 572 -3.88 -11.93 -1.39
CA ILE A 572 -3.52 -12.64 -0.17
C ILE A 572 -2.24 -13.42 -0.38
N ILE A 573 -2.11 -14.09 -1.53
CA ILE A 573 -0.87 -14.77 -1.86
C ILE A 573 0.30 -13.80 -1.83
N MET A 574 0.13 -12.65 -2.46
CA MET A 574 1.22 -11.69 -2.56
C MET A 574 1.64 -11.18 -1.20
N VAL A 575 0.67 -10.86 -0.35
CA VAL A 575 0.99 -10.33 0.97
C VAL A 575 1.61 -11.41 1.84
N VAL A 576 1.00 -12.59 1.89
CA VAL A 576 1.54 -13.67 2.71
C VAL A 576 2.91 -14.08 2.20
N ASN A 577 3.12 -14.02 0.89
CA ASN A 577 4.43 -14.35 0.34
C ASN A 577 5.46 -13.28 0.66
N LEU A 578 5.02 -12.04 0.87
CA LEU A 578 5.94 -10.97 1.25
C LEU A 578 6.10 -10.86 2.76
N ALA A 579 5.10 -11.25 3.55
CA ALA A 579 5.27 -11.27 5.00
C ALA A 579 6.40 -12.21 5.39
N ILE A 580 6.50 -13.36 4.73
CA ILE A 580 7.64 -14.24 4.95
C ILE A 580 8.94 -13.52 4.60
N GLY A 581 8.86 -12.51 3.74
CA GLY A 581 10.04 -11.73 3.43
C GLY A 581 10.55 -10.89 4.58
N PHE A 582 9.72 -10.70 5.60
CA PHE A 582 10.17 -9.93 6.76
C PHE A 582 11.31 -10.64 7.47
N VAL A 583 11.22 -11.95 7.62
CA VAL A 583 12.15 -12.71 8.45
C VAL A 583 13.11 -13.52 7.59
N THR A 584 13.34 -13.12 6.35
CA THR A 584 14.25 -13.82 5.45
C THR A 584 15.49 -12.97 5.22
N PRO A 585 16.68 -13.44 5.54
CA PRO A 585 17.88 -12.63 5.34
C PRO A 585 18.21 -12.53 3.86
N PRO A 586 19.04 -11.58 3.46
CA PRO A 586 19.75 -10.58 4.29
C PRO A 586 18.86 -9.44 4.76
N VAL A 587 17.86 -9.03 3.97
CA VAL A 587 17.02 -7.88 4.31
C VAL A 587 15.83 -8.41 5.09
N GLY A 588 16.01 -8.57 6.40
CA GLY A 588 14.92 -8.96 7.27
C GLY A 588 14.27 -7.74 7.89
N VAL A 589 13.09 -7.37 7.41
CA VAL A 589 12.43 -6.18 7.93
C VAL A 589 12.06 -6.36 9.40
N ASN A 590 11.87 -7.60 9.83
CA ASN A 590 11.56 -7.92 11.22
C ASN A 590 12.76 -8.40 12.00
N LEU A 591 13.72 -9.07 11.35
CA LEU A 591 14.90 -9.55 12.06
C LEU A 591 15.69 -8.39 12.66
N PHE A 592 15.87 -7.31 11.90
CA PHE A 592 16.68 -6.20 12.39
C PHE A 592 16.12 -5.65 13.69
N VAL A 593 14.80 -5.48 13.77
CA VAL A 593 14.20 -4.96 14.98
C VAL A 593 14.43 -5.90 16.15
N ALA A 594 14.24 -7.20 15.93
CA ALA A 594 14.42 -8.17 17.00
C ALA A 594 15.89 -8.29 17.39
N SER A 595 16.79 -8.29 16.40
CA SER A 595 18.21 -8.39 16.72
C SER A 595 18.66 -7.22 17.60
N GLY A 596 18.17 -6.03 17.29
CA GLY A 596 18.50 -4.88 18.11
C GLY A 596 17.97 -5.01 19.52
N VAL A 597 16.71 -5.45 19.67
CA VAL A 597 16.15 -5.60 21.00
C VAL A 597 16.87 -6.67 21.79
N ALA A 598 17.61 -7.56 21.12
CA ALA A 598 18.34 -8.64 21.77
C ALA A 598 19.85 -8.54 21.60
N ASN A 599 20.34 -7.59 20.80
CA ASN A 599 21.77 -7.44 20.58
C ASN A 599 22.39 -8.74 20.06
N ALA A 600 21.65 -9.44 19.20
CA ALA A 600 22.08 -10.72 18.68
C ALA A 600 22.95 -10.52 17.44
N LYS A 601 23.25 -11.61 16.74
CA LYS A 601 23.97 -11.59 15.49
C LYS A 601 23.08 -12.15 14.39
N ILE A 602 22.82 -11.35 13.36
CA ILE A 602 21.89 -11.77 12.32
C ILE A 602 22.37 -13.07 11.69
N GLU A 603 23.67 -13.16 11.40
CA GLU A 603 24.21 -14.38 10.80
C GLU A 603 23.90 -15.60 11.65
N GLN A 604 23.86 -15.45 12.97
CA GLN A 604 23.49 -16.55 13.85
C GLN A 604 21.99 -16.59 14.11
N LEU A 605 21.33 -15.43 14.17
CA LEU A 605 19.88 -15.44 14.33
C LEU A 605 19.19 -15.98 13.09
N SER A 606 19.85 -15.90 11.92
CA SER A 606 19.24 -16.44 10.71
C SER A 606 19.07 -17.95 10.81
N LYS A 607 20.06 -18.65 11.36
CA LYS A 607 19.95 -20.10 11.48
C LYS A 607 18.79 -20.49 12.37
N VAL A 608 18.60 -19.76 13.48
CA VAL A 608 17.56 -20.14 14.44
C VAL A 608 16.18 -19.99 13.81
N VAL A 609 16.00 -19.00 12.95
CA VAL A 609 14.68 -18.71 12.40
C VAL A 609 14.37 -19.53 11.15
N LEU A 610 15.35 -20.23 10.59
CA LEU A 610 15.11 -20.98 9.36
C LEU A 610 14.00 -22.01 9.52
N PRO A 611 13.95 -22.80 10.60
CA PRO A 611 12.80 -23.69 10.78
C PRO A 611 11.48 -22.95 10.78
N LEU A 612 11.44 -21.73 11.32
CA LEU A 612 10.20 -20.96 11.33
C LEU A 612 9.80 -20.55 9.93
N ILE A 613 10.78 -20.21 9.08
CA ILE A 613 10.45 -19.87 7.69
C ILE A 613 9.76 -21.04 7.02
N ALA A 614 10.28 -22.25 7.22
CA ALA A 614 9.70 -23.42 6.56
C ALA A 614 8.26 -23.62 6.97
N LEU A 615 7.95 -23.46 8.25
CA LEU A 615 6.58 -23.64 8.70
C LEU A 615 5.66 -22.57 8.14
N MET A 616 6.19 -21.40 7.79
CA MET A 616 5.39 -20.39 7.13
C MET A 616 5.16 -20.72 5.66
N LEU A 617 6.20 -21.24 4.98
CA LEU A 617 6.04 -21.67 3.60
C LEU A 617 4.98 -22.76 3.48
N ALA A 618 4.82 -23.58 4.52
CA ALA A 618 3.75 -24.56 4.52
C ALA A 618 2.40 -23.88 4.51
N VAL A 619 2.23 -22.82 5.31
CA VAL A 619 0.98 -22.08 5.28
C VAL A 619 0.83 -21.32 3.97
N LEU A 620 1.94 -20.88 3.39
CA LEU A 620 1.87 -20.16 2.12
C LEU A 620 1.28 -21.05 1.02
N LEU A 621 1.78 -22.29 0.92
CA LEU A 621 1.28 -23.18 -0.12
C LEU A 621 -0.17 -23.56 0.12
N ILE A 622 -0.55 -23.74 1.38
CA ILE A 622 -1.93 -24.12 1.66
C ILE A 622 -2.89 -23.05 1.18
N THR A 623 -2.56 -21.78 1.41
CA THR A 623 -3.45 -20.71 0.98
C THR A 623 -3.45 -20.54 -0.54
N THR A 624 -2.29 -20.73 -1.17
CA THR A 624 -2.21 -20.58 -2.63
C THR A 624 -3.06 -21.64 -3.33
N TYR A 625 -2.86 -22.90 -2.98
CA TYR A 625 -3.41 -24.00 -3.76
C TYR A 625 -4.66 -24.59 -3.16
N VAL A 626 -5.21 -23.98 -2.11
CA VAL A 626 -6.50 -24.40 -1.58
C VAL A 626 -7.35 -23.15 -1.42
N PRO A 627 -7.69 -22.46 -2.51
CA PRO A 627 -8.32 -21.14 -2.38
C PRO A 627 -9.60 -21.13 -1.59
N ALA A 628 -10.13 -22.29 -1.19
CA ALA A 628 -11.39 -22.30 -0.46
C ALA A 628 -11.23 -21.69 0.92
N ILE A 629 -10.21 -22.11 1.67
CA ILE A 629 -10.13 -21.74 3.08
C ILE A 629 -9.58 -20.33 3.28
N PRO A 630 -8.53 -19.88 2.59
CA PRO A 630 -8.08 -18.49 2.82
C PRO A 630 -9.16 -17.49 2.50
N MET A 631 -9.98 -17.77 1.50
CA MET A 631 -11.11 -16.93 1.12
C MET A 631 -12.42 -17.44 1.68
N PHE A 632 -12.40 -17.98 2.90
CA PHE A 632 -13.63 -18.43 3.52
C PHE A 632 -14.61 -17.29 3.70
N PHE A 633 -14.12 -16.11 4.10
CA PHE A 633 -14.96 -14.93 4.22
C PHE A 633 -14.98 -14.13 2.91
N ALA A 634 -13.82 -13.66 2.48
CA ALA A 634 -13.71 -12.81 1.30
C ALA A 634 -14.42 -13.43 0.10
N GLN B 1 -5.93 -3.11 -33.60
CA GLN B 1 -7.29 -2.46 -33.57
C GLN B 1 -8.25 -3.19 -32.65
N VAL B 2 -9.21 -2.45 -32.11
CA VAL B 2 -10.20 -2.97 -31.17
C VAL B 2 -11.57 -2.84 -31.82
N SER B 3 -12.33 -3.94 -31.85
CA SER B 3 -13.71 -3.95 -32.34
C SER B 3 -14.56 -4.70 -31.32
N LEU B 4 -15.15 -3.96 -30.40
CA LEU B 4 -16.09 -4.56 -29.47
C LEU B 4 -17.29 -5.09 -30.24
N GLN B 5 -17.85 -6.19 -29.75
CA GLN B 5 -19.00 -6.82 -30.37
C GLN B 5 -20.01 -7.13 -29.27
N GLU B 6 -20.86 -6.16 -28.97
CA GLU B 6 -21.89 -6.38 -27.97
C GLU B 6 -22.78 -7.52 -28.42
N SER B 7 -23.26 -8.30 -27.45
CA SER B 7 -24.08 -9.46 -27.72
C SER B 7 -25.21 -9.50 -26.71
N GLY B 8 -26.16 -10.38 -26.96
CA GLY B 8 -27.26 -10.56 -26.03
C GLY B 8 -28.26 -9.43 -26.03
N GLY B 9 -28.09 -8.43 -26.88
CA GLY B 9 -29.04 -7.35 -26.95
C GLY B 9 -30.32 -7.76 -27.64
N GLY B 10 -31.35 -6.95 -27.43
CA GLY B 10 -32.62 -7.17 -28.08
C GLY B 10 -33.77 -6.78 -27.18
N LEU B 11 -34.97 -6.85 -27.74
CA LEU B 11 -36.16 -6.46 -27.02
C LEU B 11 -36.36 -7.35 -25.80
N VAL B 12 -37.04 -6.82 -24.80
CA VAL B 12 -37.34 -7.53 -23.56
C VAL B 12 -38.80 -7.31 -23.22
N GLN B 13 -39.33 -8.21 -22.40
CA GLN B 13 -40.71 -8.08 -21.93
C GLN B 13 -40.85 -6.85 -21.04
N GLY B 404 -41.19 -8.27 -15.77
CA GLY B 404 -39.97 -7.68 -16.28
C GLY B 404 -38.78 -8.60 -16.15
N GLY B 405 -38.37 -9.20 -17.26
CA GLY B 405 -37.25 -10.11 -17.28
C GLY B 405 -35.92 -9.39 -17.42
N SER B 406 -34.86 -10.18 -17.54
CA SER B 406 -33.50 -9.68 -17.64
C SER B 406 -32.94 -9.98 -19.02
N LEU B 407 -32.22 -9.01 -19.58
CA LEU B 407 -31.60 -9.22 -20.88
C LEU B 407 -30.16 -9.69 -20.80
N ARG B 408 -29.54 -9.60 -19.63
CA ARG B 408 -28.25 -10.25 -19.39
C ARG B 408 -27.27 -9.94 -20.52
N LEU B 409 -27.01 -8.63 -20.68
CA LEU B 409 -26.15 -8.17 -21.76
C LEU B 409 -24.75 -8.72 -21.63
N SER B 410 -24.13 -9.02 -22.76
CA SER B 410 -22.74 -9.48 -22.79
C SER B 410 -22.02 -8.79 -23.92
N CYS B 411 -20.80 -8.36 -23.65
CA CYS B 411 -19.95 -7.69 -24.63
C CYS B 411 -18.57 -8.29 -24.59
N ALA B 412 -18.03 -8.62 -25.76
CA ALA B 412 -16.72 -9.26 -25.88
C ALA B 412 -15.82 -8.43 -26.77
N ALA B 413 -14.61 -8.15 -26.29
CA ALA B 413 -13.65 -7.33 -27.01
C ALA B 413 -12.70 -8.20 -27.82
N SER B 414 -12.50 -7.83 -29.08
CA SER B 414 -11.61 -8.56 -29.98
C SER B 414 -10.49 -7.64 -30.41
N GLY B 415 -9.27 -8.12 -30.35
CA GLY B 415 -8.13 -7.33 -30.78
C GLY B 415 -6.84 -7.96 -30.31
N ASN B 416 -5.75 -7.28 -30.66
CA ASN B 416 -4.42 -7.71 -30.27
C ASN B 416 -4.12 -7.52 -28.79
N ILE B 417 -4.96 -6.77 -28.07
CA ILE B 417 -4.75 -6.51 -26.66
C ILE B 417 -4.74 -7.81 -25.88
N PHE B 418 -4.08 -7.81 -24.72
CA PHE B 418 -4.14 -8.98 -23.84
C PHE B 418 -5.40 -8.95 -23.01
N LEU B 419 -5.68 -7.82 -22.36
CA LEU B 419 -6.80 -7.72 -21.44
C LEU B 419 -7.06 -6.27 -21.08
N TRP B 420 -8.32 -5.85 -21.06
CA TRP B 420 -8.65 -4.48 -20.69
C TRP B 420 -8.54 -4.28 -19.19
N ALA B 421 -8.01 -3.12 -18.79
CA ALA B 421 -7.96 -2.79 -17.37
C ALA B 421 -9.34 -2.45 -16.84
N ASN B 422 -10.15 -1.73 -17.61
CA ASN B 422 -11.48 -1.33 -17.21
C ASN B 422 -12.49 -1.69 -18.30
N MET B 423 -13.74 -1.84 -17.89
CA MET B 423 -14.84 -2.07 -18.81
C MET B 423 -16.08 -1.44 -18.20
N GLY B 424 -17.04 -1.08 -19.06
CA GLY B 424 -18.22 -0.43 -18.53
C GLY B 424 -19.31 -0.35 -19.57
N TRP B 425 -20.45 0.19 -19.15
CA TRP B 425 -21.62 0.33 -19.99
C TRP B 425 -22.16 1.75 -19.92
N TYR B 426 -22.52 2.29 -21.08
CA TYR B 426 -23.15 3.59 -21.20
C TYR B 426 -24.43 3.43 -22.00
N ARG B 427 -25.49 4.12 -21.60
CA ARG B 427 -26.78 4.04 -22.27
C ARG B 427 -27.20 5.42 -22.76
N GLN B 428 -27.54 5.50 -24.04
CA GLN B 428 -27.87 6.77 -24.70
C GLN B 428 -29.35 6.74 -25.07
N ALA B 429 -30.20 7.14 -24.13
CA ALA B 429 -31.63 7.11 -24.37
C ALA B 429 -32.00 8.08 -25.49
N PRO B 430 -33.09 7.81 -26.20
CA PRO B 430 -33.49 8.71 -27.29
C PRO B 430 -33.73 10.12 -26.78
N GLY B 431 -33.26 11.09 -27.55
CA GLY B 431 -33.38 12.48 -27.12
C GLY B 431 -32.73 12.72 -25.77
N LYS B 432 -31.60 12.08 -25.52
CA LYS B 432 -30.92 12.18 -24.24
C LYS B 432 -29.43 12.07 -24.48
N GLU B 433 -28.67 11.94 -23.40
CA GLU B 433 -27.22 11.96 -23.45
C GLU B 433 -26.66 10.58 -23.15
N ARG B 434 -25.45 10.33 -23.65
CA ARG B 434 -24.78 9.05 -23.46
C ARG B 434 -24.30 8.98 -22.01
N GLU B 435 -25.22 8.60 -21.12
CA GLU B 435 -24.92 8.59 -19.71
C GLU B 435 -24.11 7.37 -19.33
N PHE B 436 -23.90 7.20 -18.02
CA PHE B 436 -23.06 6.15 -17.46
C PHE B 436 -23.95 5.12 -16.78
N VAL B 437 -23.67 3.84 -17.02
CA VAL B 437 -24.46 2.74 -16.50
C VAL B 437 -23.70 1.97 -15.43
N ALA B 438 -22.53 1.45 -15.76
CA ALA B 438 -21.75 0.67 -14.81
C ALA B 438 -20.34 0.51 -15.32
N SER B 439 -19.43 0.20 -14.40
CA SER B 439 -18.02 0.03 -14.74
C SER B 439 -17.39 -0.92 -13.74
N ILE B 440 -16.47 -1.75 -14.23
CA ILE B 440 -15.78 -2.74 -13.41
C ILE B 440 -14.28 -2.60 -13.61
N SER B 441 -13.54 -2.52 -12.51
CA SER B 441 -12.10 -2.37 -12.57
C SER B 441 -11.43 -3.71 -12.80
N LEU B 442 -10.10 -3.68 -12.95
CA LEU B 442 -9.37 -4.92 -13.17
C LEU B 442 -9.45 -5.83 -11.95
N GLY B 443 -9.37 -5.25 -10.75
CA GLY B 443 -9.43 -6.03 -9.54
C GLY B 443 -10.86 -6.25 -9.08
N ALA B 444 -11.81 -5.99 -9.98
CA ALA B 444 -13.22 -6.24 -9.71
C ALA B 444 -13.78 -5.23 -8.70
N ASN B 445 -13.46 -3.96 -8.88
CA ASN B 445 -14.13 -2.86 -8.19
C ASN B 445 -15.24 -2.35 -9.11
N THR B 446 -16.48 -2.57 -8.72
CA THR B 446 -17.62 -2.21 -9.55
C THR B 446 -18.17 -0.86 -9.13
N ASN B 447 -18.31 0.05 -10.08
CA ASN B 447 -18.90 1.36 -9.87
C ASN B 447 -20.14 1.49 -10.74
N TYR B 448 -21.27 1.81 -10.13
CA TYR B 448 -22.54 1.94 -10.82
C TYR B 448 -23.04 3.37 -10.76
N ALA B 449 -23.83 3.75 -11.76
CA ALA B 449 -24.56 5.00 -11.69
C ALA B 449 -25.63 4.91 -10.61
N ASP B 450 -26.04 6.09 -10.11
CA ASP B 450 -26.94 6.11 -8.96
C ASP B 450 -28.23 5.36 -9.24
N SER B 451 -28.83 5.58 -10.40
CA SER B 451 -30.07 4.90 -10.74
C SER B 451 -29.87 3.39 -10.81
N VAL B 452 -28.71 2.96 -11.31
CA VAL B 452 -28.44 1.53 -11.51
C VAL B 452 -28.01 0.82 -10.24
N LYS B 453 -27.69 1.55 -9.18
CA LYS B 453 -27.19 0.92 -7.96
C LYS B 453 -28.08 -0.24 -7.54
N GLY B 454 -27.49 -1.44 -7.51
CA GLY B 454 -28.18 -2.62 -7.04
C GLY B 454 -29.09 -3.27 -8.04
N ARG B 455 -29.39 -2.61 -9.16
CA ARG B 455 -30.26 -3.19 -10.17
C ARG B 455 -29.46 -4.00 -11.19
N PHE B 456 -28.36 -3.44 -11.69
CA PHE B 456 -27.51 -4.13 -12.65
C PHE B 456 -26.23 -4.56 -11.96
N THR B 457 -25.85 -5.81 -12.16
CA THR B 457 -24.57 -6.33 -11.71
C THR B 457 -23.66 -6.49 -12.92
N ILE B 458 -22.43 -6.01 -12.80
CA ILE B 458 -21.45 -6.10 -13.88
C ILE B 458 -20.38 -7.08 -13.45
N SER B 459 -20.04 -8.00 -14.34
CA SER B 459 -18.99 -8.98 -14.10
C SER B 459 -18.09 -9.02 -15.31
N ARG B 460 -17.09 -9.89 -15.26
CA ARG B 460 -16.18 -10.02 -16.38
C ARG B 460 -15.57 -11.41 -16.38
N ASP B 461 -15.08 -11.81 -17.56
CA ASP B 461 -14.39 -13.08 -17.74
C ASP B 461 -13.04 -12.77 -18.36
N ASN B 462 -12.00 -12.72 -17.52
CA ASN B 462 -10.70 -12.29 -18.00
C ASN B 462 -10.16 -13.23 -19.07
N ALA B 463 -10.55 -14.51 -19.02
CA ALA B 463 -10.06 -15.47 -20.01
C ALA B 463 -10.62 -15.15 -21.39
N LYS B 464 -11.93 -14.98 -21.50
CA LYS B 464 -12.58 -14.69 -22.77
C LYS B 464 -12.58 -13.21 -23.11
N ASN B 465 -12.23 -12.35 -22.16
CA ASN B 465 -12.21 -10.91 -22.38
C ASN B 465 -13.62 -10.39 -22.67
N THR B 466 -14.53 -10.68 -21.75
CA THR B 466 -15.94 -10.38 -21.91
C THR B 466 -16.47 -9.72 -20.65
N VAL B 467 -17.32 -8.71 -20.85
CA VAL B 467 -17.95 -7.98 -19.75
C VAL B 467 -19.45 -8.25 -19.82
N TYR B 468 -20.05 -8.54 -18.68
CA TYR B 468 -21.45 -8.89 -18.59
C TYR B 468 -22.17 -7.85 -17.74
N LEU B 469 -23.40 -7.55 -18.11
CA LEU B 469 -24.24 -6.61 -17.35
C LEU B 469 -25.56 -7.32 -17.06
N GLN B 470 -25.61 -8.01 -15.93
CA GLN B 470 -26.79 -8.81 -15.59
C GLN B 470 -27.92 -7.85 -15.23
N MET B 471 -28.49 -7.23 -16.26
CA MET B 471 -29.57 -6.30 -16.06
C MET B 471 -30.77 -7.00 -15.43
N ASN B 472 -31.37 -6.38 -14.42
CA ASN B 472 -32.47 -6.99 -13.69
C ASN B 472 -33.54 -5.96 -13.38
N SER B 473 -34.77 -6.43 -13.17
CA SER B 473 -35.88 -5.61 -12.73
C SER B 473 -36.01 -4.36 -13.59
N LEU B 474 -35.90 -4.55 -14.89
CA LEU B 474 -35.96 -3.44 -15.82
C LEU B 474 -37.34 -2.81 -15.81
N LYS B 475 -37.39 -1.51 -16.11
CA LYS B 475 -38.63 -0.77 -16.13
C LYS B 475 -38.67 0.13 -17.36
N GLN B 476 -39.88 0.60 -17.68
CA GLN B 476 -40.06 1.45 -18.84
C GLN B 476 -39.24 2.73 -18.75
N GLU B 477 -38.86 3.13 -17.53
CA GLU B 477 -37.97 4.27 -17.36
C GLU B 477 -36.58 4.01 -17.93
N ASP B 478 -36.27 2.76 -18.24
CA ASP B 478 -35.00 2.36 -18.84
C ASP B 478 -35.33 1.63 -20.14
N THR B 479 -35.13 2.31 -21.27
CA THR B 479 -35.41 1.72 -22.56
C THR B 479 -34.38 2.15 -23.61
N ALA B 480 -33.18 2.48 -23.18
CA ALA B 480 -32.21 3.13 -24.04
C ALA B 480 -31.30 2.12 -24.71
N VAL B 481 -30.66 2.55 -25.80
CA VAL B 481 -29.57 1.79 -26.36
C VAL B 481 -28.46 1.69 -25.34
N TYR B 482 -27.64 0.65 -25.47
CA TYR B 482 -26.55 0.40 -24.53
C TYR B 482 -25.25 0.25 -25.29
N TYR B 483 -24.23 0.95 -24.84
CA TYR B 483 -22.91 0.96 -25.46
C TYR B 483 -21.92 0.33 -24.51
N CYS B 484 -21.12 -0.59 -25.03
CA CYS B 484 -20.09 -1.26 -24.27
C CYS B 484 -18.79 -0.47 -24.39
N ALA B 485 -18.29 0.03 -23.27
CA ALA B 485 -17.12 0.89 -23.25
C ALA B 485 -16.00 0.18 -22.50
N VAL B 486 -14.77 0.38 -22.96
CA VAL B 486 -13.60 -0.20 -22.31
C VAL B 486 -12.44 0.76 -22.46
N TRP B 487 -11.71 0.99 -21.37
CA TRP B 487 -10.58 1.90 -21.38
C TRP B 487 -9.46 1.33 -20.51
N ALA B 488 -8.31 1.98 -20.57
CA ALA B 488 -7.09 1.46 -19.95
C ALA B 488 -7.12 1.68 -18.44
N ARG B 489 -6.02 1.29 -17.80
CA ARG B 489 -5.91 1.42 -16.35
C ARG B 489 -5.73 2.87 -15.93
N TYR B 490 -4.84 3.58 -16.59
CA TYR B 490 -4.51 4.96 -16.26
C TYR B 490 -5.10 5.93 -17.28
N PRO B 491 -5.37 7.17 -16.88
CA PRO B 491 -5.83 8.15 -17.86
C PRO B 491 -4.82 8.33 -18.97
N SER B 492 -5.32 8.53 -20.19
CA SER B 492 -4.43 8.64 -21.34
C SER B 492 -3.91 10.05 -21.53
N THR B 493 -4.64 11.06 -21.08
CA THR B 493 -4.24 12.45 -21.24
C THR B 493 -4.56 13.21 -19.97
N TYR B 494 -3.75 14.24 -19.71
CA TYR B 494 -3.94 15.15 -18.59
C TYR B 494 -3.94 16.58 -19.12
N TYR B 495 -4.74 17.43 -18.51
CA TYR B 495 -4.89 18.80 -18.98
C TYR B 495 -5.35 19.67 -17.83
N LEU B 496 -4.50 20.61 -17.41
CA LEU B 496 -4.80 21.50 -16.29
C LEU B 496 -5.10 20.71 -15.02
N GLY B 497 -4.29 19.71 -14.76
CA GLY B 497 -4.40 18.99 -13.51
C GLY B 497 -5.59 18.08 -13.38
N ARG B 498 -6.17 17.64 -14.48
CA ARG B 498 -7.24 16.66 -14.46
C ARG B 498 -6.89 15.53 -15.41
N GLY B 499 -7.40 14.34 -15.10
CA GLY B 499 -7.15 13.14 -15.87
C GLY B 499 -8.36 12.76 -16.70
N TYR B 500 -8.11 12.37 -17.95
CA TYR B 500 -9.16 12.06 -18.89
C TYR B 500 -8.93 10.68 -19.50
N ASP B 501 -10.02 9.98 -19.73
CA ASP B 501 -10.02 8.63 -20.28
C ASP B 501 -10.54 8.67 -21.71
N TYR B 502 -9.87 7.94 -22.60
CA TYR B 502 -10.34 7.75 -23.97
C TYR B 502 -11.04 6.41 -24.05
N LEU B 503 -12.36 6.43 -24.05
CA LEU B 503 -13.17 5.21 -24.03
C LEU B 503 -13.29 4.67 -25.44
N TYR B 504 -13.04 3.38 -25.60
CA TYR B 504 -13.33 2.70 -26.84
C TYR B 504 -14.75 2.15 -26.79
N TRP B 505 -15.46 2.26 -27.91
CA TRP B 505 -16.90 2.14 -27.92
C TRP B 505 -17.36 0.99 -28.80
N GLY B 506 -18.43 0.32 -28.37
CA GLY B 506 -19.10 -0.67 -29.18
C GLY B 506 -20.29 -0.06 -29.90
N GLN B 507 -20.75 -0.78 -30.93
CA GLN B 507 -21.82 -0.25 -31.77
C GLN B 507 -23.09 -0.03 -30.96
N GLY B 508 -23.40 -0.93 -30.05
CA GLY B 508 -24.57 -0.79 -29.20
C GLY B 508 -25.67 -1.75 -29.61
N THR B 509 -26.57 -1.99 -28.66
CA THR B 509 -27.68 -2.91 -28.88
C THR B 509 -28.93 -2.32 -28.27
N GLN B 510 -29.92 -2.02 -29.11
CA GLN B 510 -31.18 -1.49 -28.61
C GLN B 510 -31.75 -2.43 -27.56
N VAL B 511 -32.21 -1.85 -26.45
CA VAL B 511 -32.80 -2.62 -25.36
C VAL B 511 -34.20 -2.04 -25.16
N THR B 512 -35.18 -2.63 -25.82
CA THR B 512 -36.55 -2.14 -25.78
C THR B 512 -37.34 -2.91 -24.74
N VAL B 513 -38.14 -2.18 -23.96
CA VAL B 513 -38.95 -2.76 -22.91
C VAL B 513 -40.34 -2.17 -23.00
N SER B 514 -41.36 -3.02 -22.91
CA SER B 514 -42.75 -2.60 -22.98
C SER B 514 -43.49 -3.10 -21.75
N SER B 515 -44.22 -2.19 -21.09
CA SER B 515 -45.01 -2.55 -19.91
C SER B 515 -44.20 -3.35 -18.91
NA NA C . -2.42 -6.13 11.57
C1 8X3 D . 6.89 -3.26 5.55
C2 8X3 D . 6.10 -2.14 6.19
O4 8X3 D . 4.97 -3.31 8.22
O5 8X3 D . 3.68 -1.57 7.05
O6 8X3 D . 7.84 -2.66 4.71
O7 8X3 D . 4.08 -3.75 5.99
S3 8X3 D . 4.58 -2.74 6.93
H012 8X3 D . 6.28 -3.83 5.05
H011 8X3 D . 7.30 -3.80 6.23
H022 8X3 D . 5.86 -1.46 5.54
H021 8X3 D . 6.61 -1.72 6.90
H061 8X3 D . 7.49 -1.84 4.36
C1 PTY E . -19.45 25.03 3.44
O4 PTY E . -19.25 25.96 4.50
C5 PTY E . -18.58 24.47 1.15
C6 PTY E . -18.55 25.46 2.30
O7 PTY E . -17.24 25.55 2.84
C8 PTY E . -16.29 26.21 2.19
O10 PTY E . -16.47 26.78 1.14
C11 PTY E . -14.99 26.17 2.94
C12 PTY E . -13.76 26.14 2.06
C13 PTY E . -12.67 25.23 2.61
C14 PTY E . -11.33 25.43 1.94
C15 PTY E . -10.33 24.32 2.23
C16 PTY E . -8.98 24.52 1.57
C17 PTY E . -8.47 23.29 0.82
C18 PTY E . -7.04 23.44 0.31
C19 PTY E . -5.97 23.06 1.31
C30 PTY E . -18.45 25.59 5.49
O30 PTY E . -18.40 24.47 5.93
P1 PTY E . -20.49 25.07 -0.57
O11 PTY E . -21.12 25.09 0.94
O12 PTY E . -20.84 26.34 -1.29
O13 PTY E . -20.75 23.76 -1.23
O14 PTY E . -18.93 25.14 -0.05
HC11 PTY E . -20.37 25.04 3.15
HC12 PTY E . -19.24 24.12 3.73
HC51 PTY E . -19.21 23.76 1.36
HC52 PTY E . -17.71 24.07 1.06
HC6 PTY E . -18.85 26.32 1.96
H111 PTY E . -15.01 25.39 3.53
H112 PTY E . -14.96 26.92 3.54
H121 PTY E . -13.40 27.04 1.96
H122 PTY E . -14.00 25.85 1.16
H131 PTY E . -12.95 24.31 2.52
H132 PTY E . -12.59 25.39 3.57
H141 PTY E . -10.95 26.28 2.21
H142 PTY E . -11.46 25.50 0.97
H151 PTY E . -10.70 23.47 1.95
H152 PTY E . -10.21 24.25 3.19
H161 PTY E . -8.32 24.78 2.24
H162 PTY E . -9.03 25.27 0.95
H171 PTY E . -9.06 23.09 0.08
H172 PTY E . -8.52 22.52 1.42
H181 PTY E . -6.91 24.35 0.02
H182 PTY E . -6.94 22.90 -0.49
H191 PTY E . -6.11 22.15 1.61
H192 PTY E . -6.04 23.62 2.10
H193 PTY E . -4.97 23.16 0.87
H30 PTY E . -17.80 26.33 5.93
HO11 PTY E . -22.05 25.31 0.90
C1 PTY F . 12.63 -6.24 -20.28
C2 PTY F . 8.54 -6.18 -26.57
C3 PTY F . 9.85 -6.94 -26.47
O4 PTY F . 11.51 -7.09 -20.55
C5 PTY F . 13.11 -5.99 -22.74
C6 PTY F . 12.80 -5.28 -21.43
O7 PTY F . 13.85 -4.38 -21.07
C8 PTY F . 15.09 -4.82 -20.90
O10 PTY F . 15.84 -5.04 -21.81
C11 PTY F . 15.41 -4.99 -19.44
C12 PTY F . 16.76 -4.46 -19.04
C13 PTY F . 17.00 -4.58 -17.54
C14 PTY F . 18.41 -4.19 -17.13
C15 PTY F . 18.71 -2.71 -17.30
C30 PTY F . 10.29 -6.57 -20.54
C31 PTY F . 9.84 -6.18 -19.17
O30 PTY F . 9.65 -6.43 -21.55
C32 PTY F . 9.75 -7.35 -18.20
C33 PTY F . 10.91 -7.38 -17.21
C34 PTY F . 10.66 -6.53 -15.98
C35 PTY F . 9.61 -7.11 -15.04
P1 PTY F . 11.99 -6.34 -25.08
O11 PTY F . 10.41 -6.71 -25.19
O12 PTY F . 12.84 -7.52 -25.44
O13 PTY F . 12.27 -5.00 -25.71
O14 PTY F . 11.91 -6.17 -23.44
N1 PTY F . 8.74 -4.76 -26.34
HC11 PTY F . 13.43 -6.79 -20.20
HC12 PTY F . 12.50 -5.78 -19.44
HC21 PTY F . 7.95 -6.52 -25.89
HC22 PTY F . 8.13 -6.38 -27.43
HC31 PTY F . 9.67 -7.88 -26.61
HC32 PTY F . 10.45 -6.65 -27.16
HC51 PTY F . 13.55 -6.84 -22.53
HC52 PTY F . 13.74 -5.46 -23.24
HC6 PTY F . 11.98 -4.79 -21.56
H111 PTY F . 14.71 -4.56 -18.93
H112 PTY F . 15.33 -5.94 -19.23
H121 PTY F . 16.86 -3.53 -19.30
H122 PTY F . 17.47 -4.94 -19.52
H131 PTY F . 16.83 -5.50 -17.26
H132 PTY F . 16.36 -4.04 -17.06
H141 PTY F . 19.05 -4.70 -17.64
H142 PTY F . 18.56 -4.44 -16.20
H151 PTY F . 18.97 -2.34 -16.45
H152 PTY F . 17.90 -2.25 -17.56
H311 PTY F . 8.97 -5.76 -19.25
H312 PTY F . 10.42 -5.49 -18.82
H321 PTY F . 9.74 -8.19 -18.71
H322 PTY F . 8.91 -7.32 -17.72
H331 PTY F . 11.07 -8.31 -16.94
H332 PTY F . 11.72 -7.09 -17.65
H341 PTY F . 10.39 -5.64 -16.26
H342 PTY F . 11.49 -6.42 -15.49
H351 PTY F . 9.73 -8.06 -14.96
H352 PTY F . 8.72 -6.98 -15.42
HN11 PTY F . 9.34 -4.44 -26.93
HN12 PTY F . 9.11 -4.63 -25.54
H153 PTY F . 19.50 -2.56 -18.05
H353 PTY F . 9.67 -6.63 -14.06
HN13 PTY F . 7.87 -4.25 -26.41
C1 PTY G . 13.09 19.37 -17.51
C2 PTY G . 14.47 16.90 -23.71
C3 PTY G . 15.56 17.10 -22.67
O4 PTY G . 13.39 20.66 -17.00
C5 PTY G . 14.72 18.03 -18.84
C6 PTY G . 14.35 18.53 -17.46
O7 PTY G . 14.08 17.46 -16.55
C8 PTY G . 15.02 16.95 -15.76
O10 PTY G . 15.39 17.48 -14.75
C11 PTY G . 15.53 15.62 -16.27
C12 PTY G . 16.40 14.87 -15.28
C13 PTY G . 16.66 13.43 -15.74
C14 PTY G . 17.19 12.54 -14.62
C15 PTY G . 18.71 12.60 -14.43
C16 PTY G . 19.23 11.49 -13.55
C17 PTY G . 19.21 11.82 -12.06
C18 PTY G . 20.37 12.71 -11.63
C30 PTY G . 12.37 21.48 -16.78
C31 PTY G . 11.91 21.44 -15.36
O30 PTY G . 11.88 22.16 -17.65
C32 PTY G . 12.91 22.00 -14.36
C33 PTY G . 14.15 21.11 -14.22
C34 PTY G . 14.92 21.39 -12.95
C35 PTY G . 16.08 20.43 -12.69
C36 PTY G . 17.20 21.06 -11.89
C37 PTY G . 18.43 20.17 -11.76
C38 PTY G . 19.58 20.85 -11.01
C39 PTY G . 19.57 20.60 -9.52
C40 PTY G . 20.65 19.63 -9.07
P1 PTY G . 14.66 19.11 -21.25
O11 PTY G . 14.96 17.52 -21.45
O12 PTY G . 15.60 19.93 -22.05
O13 PTY G . 13.18 19.37 -21.35
O14 PTY G . 15.11 19.10 -19.66
N1 PTY G . 14.94 16.05 -24.79
HC11 PTY G . 12.79 19.44 -18.43
HC12 PTY G . 12.38 18.96 -16.99
HC21 PTY G . 13.72 16.46 -23.27
HC22 PTY G . 14.15 17.76 -24.00
HC31 PTY G . 16.04 16.27 -22.55
HC32 PTY G . 16.19 17.76 -22.99
HC51 PTY G . 13.95 17.56 -19.21
HC52 PTY G . 15.43 17.37 -18.76
HC6 PTY G . 15.09 19.08 -17.14
H111 PTY G . 16.01 15.78 -17.09
H112 PTY G . 14.75 15.09 -16.52
H121 PTY G . 15.98 14.85 -14.41
H122 PTY G . 17.24 15.32 -15.18
H131 PTY G . 17.30 13.44 -16.47
H132 PTY G . 15.84 13.05 -16.10
H141 PTY G . 16.94 11.62 -14.81
H142 PTY G . 16.76 12.77 -13.79
H151 PTY G . 18.94 13.47 -14.05
H152 PTY G . 19.14 12.57 -15.30
H161 PTY G . 20.15 11.28 -13.81
H162 PTY G . 18.72 10.69 -13.70
H171 PTY G . 19.23 10.99 -11.55
H172 PTY G . 18.37 12.25 -11.84
H181 PTY G . 20.16 13.13 -10.78
H182 PTY G . 20.46 13.44 -12.27
H311 PTY G . 11.70 20.51 -15.14
H312 PTY G . 11.07 21.92 -15.30
H321 PTY G . 12.50 22.09 -13.49
H322 PTY G . 13.19 22.88 -14.63
H331 PTY G . 14.72 21.24 -14.99
H332 PTY G . 13.88 20.17 -14.24
H341 PTY G . 14.31 21.37 -12.18
H342 PTY G . 15.27 22.30 -12.98
H351 PTY G . 16.42 20.11 -13.54
H352 PTY G . 15.74 19.64 -12.22
H361 PTY G . 16.88 21.29 -11.01
H362 PTY G . 17.46 21.89 -12.31
H371 PTY G . 18.74 19.91 -12.64
H372 PTY G . 18.20 19.35 -11.31
H381 PTY G . 19.55 21.80 -11.18
H382 PTY G . 20.42 20.54 -11.39
H391 PTY G . 18.70 20.26 -9.25
H392 PTY G . 19.68 21.44 -9.05
H401 PTY G . 20.71 18.89 -9.70
H402 PTY G . 20.39 19.23 -8.22
HN11 PTY G . 15.71 16.36 -25.11
HN12 PTY G . 15.11 15.24 -24.48
H183 PTY G . 21.29 12.15 -11.57
H403 PTY G . 21.61 20.13 -8.98
HN13 PTY G . 14.25 16.00 -25.53
#